data_1TQ8
#
_entry.id   1TQ8
#
_cell.length_a   72.829
_cell.length_b   121.042
_cell.length_c   119.751
_cell.angle_alpha   90.00
_cell.angle_beta   90.00
_cell.angle_gamma   90.00
#
_symmetry.space_group_name_H-M   'P 21 21 2'
#
loop_
_entity.id
_entity.type
_entity.pdbx_description
1 polymer 'hypothetical protein Rv1636'
2 water water
#
_entity_poly.entity_id   1
_entity_poly.type   'polypeptide(L)'
_entity_poly.pdbx_seq_one_letter_code
;(MSE)GHHHHHHGGHMSLSAYKTVVVGTDGSDSS(MSE)RAVDRAAQIAGADAKLIIASAYLPQHEDARAADILKDESYK
VTGTAPIYEILHDAKERAHNAGAKNVEERPIVGAPVDALVNLADEEKADLLVVGNVGLSTIAGRLLGSVPANVSRRAKVD
VLIVHTTEGGS
;
_entity_poly.pdbx_strand_id   A,B,C,D,E,F
#
# COMPACT_ATOMS: atom_id res chain seq x y z
N SER A 13 -39.19 20.41 6.78
CA SER A 13 -38.83 21.82 6.44
C SER A 13 -37.61 22.27 7.26
N LEU A 14 -36.51 21.57 7.08
CA LEU A 14 -35.28 21.88 7.80
C LEU A 14 -34.83 23.30 7.53
N SER A 15 -34.35 23.97 8.58
CA SER A 15 -33.89 25.35 8.47
C SER A 15 -32.37 25.40 8.36
N ALA A 16 -31.83 26.62 8.25
CA ALA A 16 -30.39 26.80 8.16
C ALA A 16 -29.73 26.49 9.50
N TYR A 17 -28.44 26.20 9.47
CA TYR A 17 -27.71 25.91 10.69
C TYR A 17 -27.63 27.17 11.54
N LYS A 18 -27.91 27.04 12.84
CA LYS A 18 -27.85 28.18 13.72
C LYS A 18 -26.56 28.29 14.52
N THR A 19 -26.02 27.15 14.97
CA THR A 19 -24.79 27.16 15.77
C THR A 19 -23.70 26.29 15.18
N VAL A 20 -22.72 26.94 14.55
CA VAL A 20 -21.61 26.27 13.90
C VAL A 20 -20.31 26.29 14.70
N VAL A 21 -19.68 25.12 14.83
CA VAL A 21 -18.41 25.04 15.54
C VAL A 21 -17.38 24.55 14.53
N VAL A 22 -16.26 25.26 14.42
CA VAL A 22 -15.21 24.87 13.49
C VAL A 22 -13.91 24.80 14.26
N GLY A 23 -13.08 23.82 13.93
CA GLY A 23 -11.81 23.67 14.62
C GLY A 23 -10.65 24.13 13.75
N THR A 24 -9.64 24.73 14.38
CA THR A 24 -8.48 25.18 13.63
C THR A 24 -7.20 25.12 14.44
N ASP A 25 -6.12 24.73 13.79
CA ASP A 25 -4.81 24.67 14.42
C ASP A 25 -3.96 25.81 13.87
N GLY A 26 -4.58 26.66 13.06
CA GLY A 26 -3.87 27.78 12.49
C GLY A 26 -3.21 27.54 11.15
N SER A 27 -3.28 26.32 10.65
CA SER A 27 -2.69 25.97 9.36
C SER A 27 -3.50 26.59 8.25
N ASP A 28 -3.09 26.35 7.02
CA ASP A 28 -3.80 26.88 5.86
C ASP A 28 -5.07 26.07 5.56
N SER A 29 -5.01 24.76 5.75
CA SER A 29 -6.18 23.95 5.50
C SER A 29 -7.24 24.37 6.51
N SER A 30 -6.84 24.52 7.76
CA SER A 30 -7.79 24.93 8.77
C SER A 30 -8.44 26.26 8.42
N MSE A 31 -7.63 27.23 8.01
CA MSE A 31 -8.18 28.52 7.66
C MSE A 31 -9.21 28.41 6.54
O MSE A 31 -10.17 29.17 6.50
CB MSE A 31 -7.06 29.52 7.30
CG MSE A 31 -6.18 29.88 8.50
SE MSE A 31 -7.19 30.38 10.12
CE MSE A 31 -7.24 32.29 9.83
N ARG A 32 -9.03 27.45 5.63
CA ARG A 32 -10.02 27.28 4.58
C ARG A 32 -11.30 26.75 5.19
N ALA A 33 -11.18 25.98 6.27
CA ALA A 33 -12.37 25.44 6.91
C ALA A 33 -13.07 26.57 7.68
N VAL A 34 -12.28 27.54 8.12
CA VAL A 34 -12.83 28.69 8.84
C VAL A 34 -13.64 29.51 7.84
N ASP A 35 -13.08 29.76 6.66
CA ASP A 35 -13.78 30.53 5.64
C ASP A 35 -15.10 29.85 5.28
N ARG A 36 -15.06 28.53 5.07
CA ARG A 36 -16.29 27.82 4.72
C ARG A 36 -17.28 27.87 5.86
N ALA A 37 -16.82 27.71 7.10
CA ALA A 37 -17.72 27.75 8.25
C ALA A 37 -18.33 29.14 8.38
N ALA A 38 -17.52 30.16 8.10
CA ALA A 38 -17.97 31.54 8.19
C ALA A 38 -19.06 31.79 7.14
N GLN A 39 -18.82 31.28 5.93
CA GLN A 39 -19.75 31.42 4.82
C GLN A 39 -21.10 30.80 5.15
N ILE A 40 -21.09 29.75 5.97
CA ILE A 40 -22.31 29.07 6.34
C ILE A 40 -23.00 29.75 7.50
N ALA A 41 -22.21 30.29 8.44
CA ALA A 41 -22.79 30.95 9.60
C ALA A 41 -23.42 32.28 9.19
N GLY A 42 -22.74 32.98 8.30
CA GLY A 42 -23.24 34.25 7.81
C GLY A 42 -23.46 35.32 8.86
N ALA A 43 -24.65 35.90 8.86
CA ALA A 43 -24.97 36.96 9.80
C ALA A 43 -26.09 36.62 10.76
N ASP A 44 -26.69 35.46 10.58
CA ASP A 44 -27.78 35.07 11.46
C ASP A 44 -27.44 33.88 12.34
N ALA A 45 -26.29 33.26 12.11
CA ALA A 45 -25.90 32.12 12.91
C ALA A 45 -24.67 32.42 13.76
N LYS A 46 -24.55 31.67 14.85
CA LYS A 46 -23.42 31.81 15.76
C LYS A 46 -22.28 30.90 15.29
N LEU A 47 -21.07 31.45 15.27
CA LEU A 47 -19.87 30.71 14.85
C LEU A 47 -18.89 30.60 16.01
N ILE A 48 -18.61 29.38 16.45
CA ILE A 48 -17.66 29.19 17.55
C ILE A 48 -16.39 28.61 16.95
N ILE A 49 -15.27 29.29 17.15
CA ILE A 49 -14.01 28.82 16.62
C ILE A 49 -13.19 28.17 17.72
N ALA A 50 -12.85 26.90 17.51
CA ALA A 50 -12.09 26.16 18.52
C ALA A 50 -10.71 25.73 18.06
N SER A 51 -9.81 25.59 19.03
CA SER A 51 -8.45 25.15 18.78
C SER A 51 -7.96 24.35 19.98
N ALA A 52 -7.35 23.21 19.71
CA ALA A 52 -6.84 22.35 20.76
C ALA A 52 -5.59 22.93 21.37
N TYR A 53 -5.55 22.96 22.70
CA TYR A 53 -4.37 23.45 23.39
C TYR A 53 -3.49 22.22 23.58
N LEU A 54 -2.25 22.30 23.14
CA LEU A 54 -1.34 21.17 23.27
C LEU A 54 -0.39 21.30 24.47
N PRO A 55 0.50 22.32 24.45
CA PRO A 55 1.45 22.53 25.56
C PRO A 55 0.81 22.49 26.94
N THR A 76 1.17 35.42 27.22
CA THR A 76 -0.11 34.93 26.69
C THR A 76 0.13 33.73 25.76
N ALA A 77 -0.58 32.63 26.02
CA ALA A 77 -0.41 31.42 25.20
C ALA A 77 -0.66 31.71 23.71
N PRO A 78 0.21 31.17 22.83
CA PRO A 78 0.18 31.31 21.37
C PRO A 78 -1.16 30.88 20.75
N ILE A 79 -1.89 30.04 21.47
CA ILE A 79 -3.17 29.60 20.95
C ILE A 79 -4.15 30.78 20.79
N TYR A 80 -4.02 31.79 21.65
CA TYR A 80 -4.90 32.94 21.57
C TYR A 80 -4.67 33.80 20.31
N GLU A 81 -3.44 33.82 19.81
CA GLU A 81 -3.15 34.58 18.59
C GLU A 81 -3.81 33.88 17.42
N ILE A 82 -3.69 32.55 17.41
CA ILE A 82 -4.31 31.73 16.38
C ILE A 82 -5.82 31.92 16.44
N LEU A 83 -6.38 31.94 17.64
CA LEU A 83 -7.82 32.12 17.75
C LEU A 83 -8.21 33.51 17.27
N HIS A 84 -7.44 34.51 17.68
CA HIS A 84 -7.70 35.89 17.27
C HIS A 84 -7.68 36.00 15.74
N ASP A 85 -6.65 35.47 15.11
CA ASP A 85 -6.57 35.55 13.67
C ASP A 85 -7.73 34.80 13.01
N ALA A 86 -8.10 33.65 13.56
CA ALA A 86 -9.20 32.90 12.97
C ALA A 86 -10.47 33.74 13.06
N LYS A 87 -10.63 34.43 14.18
CA LYS A 87 -11.79 35.26 14.38
C LYS A 87 -11.79 36.39 13.34
N GLU A 88 -10.60 36.94 13.06
CA GLU A 88 -10.51 38.02 12.07
C GLU A 88 -10.88 37.53 10.69
N ARG A 89 -10.41 36.35 10.34
CA ARG A 89 -10.72 35.82 9.03
C ARG A 89 -12.20 35.46 8.92
N ALA A 90 -12.80 34.97 9.99
CA ALA A 90 -14.21 34.63 9.94
C ALA A 90 -15.02 35.87 9.59
N HIS A 91 -14.73 36.99 10.26
CA HIS A 91 -15.44 38.24 9.98
C HIS A 91 -15.30 38.63 8.51
N ASN A 92 -14.07 38.67 8.00
CA ASN A 92 -13.85 39.02 6.61
C ASN A 92 -14.57 38.09 5.65
N ALA A 93 -15.15 37.01 6.18
CA ALA A 93 -15.85 36.08 5.31
C ALA A 93 -17.35 36.23 5.47
N GLY A 94 -17.78 37.30 6.15
CA GLY A 94 -19.20 37.54 6.31
C GLY A 94 -19.81 37.09 7.62
N ALA A 95 -19.06 36.36 8.43
CA ALA A 95 -19.56 35.88 9.71
C ALA A 95 -19.63 37.08 10.67
N LYS A 96 -20.83 37.38 11.16
CA LYS A 96 -21.01 38.51 12.08
C LYS A 96 -20.83 38.16 13.55
N ASN A 97 -21.41 37.04 13.98
CA ASN A 97 -21.34 36.62 15.37
C ASN A 97 -20.32 35.50 15.57
N VAL A 98 -19.11 35.88 15.95
CA VAL A 98 -18.04 34.92 16.14
C VAL A 98 -17.38 34.97 17.51
N GLU A 99 -17.13 33.81 18.10
CA GLU A 99 -16.45 33.74 19.38
C GLU A 99 -15.40 32.64 19.31
N GLU A 100 -14.35 32.79 20.10
CA GLU A 100 -13.26 31.84 20.13
C GLU A 100 -13.38 30.95 21.35
N ARG A 101 -12.69 29.83 21.31
CA ARG A 101 -12.75 28.86 22.40
C ARG A 101 -11.55 27.92 22.36
N PRO A 102 -10.81 27.81 23.47
CA PRO A 102 -9.67 26.89 23.48
C PRO A 102 -10.25 25.52 23.90
N ILE A 103 -9.72 24.45 23.32
CA ILE A 103 -10.16 23.08 23.62
C ILE A 103 -9.05 22.45 24.45
N VAL A 104 -9.43 21.84 25.55
CA VAL A 104 -8.47 21.25 26.46
C VAL A 104 -8.64 19.75 26.68
N GLY A 105 -7.52 19.05 26.85
CA GLY A 105 -7.57 17.61 27.07
C GLY A 105 -7.82 16.82 25.80
N ALA A 106 -8.38 15.62 25.93
CA ALA A 106 -8.67 14.83 24.76
C ALA A 106 -9.63 15.67 23.92
N PRO A 107 -9.18 16.10 22.74
CA PRO A 107 -9.89 16.93 21.78
C PRO A 107 -11.30 16.54 21.35
N VAL A 108 -11.49 15.29 20.95
CA VAL A 108 -12.81 14.90 20.52
C VAL A 108 -13.82 14.93 21.66
N ASP A 109 -13.42 14.46 22.83
CA ASP A 109 -14.35 14.48 23.96
C ASP A 109 -14.71 15.93 24.32
N ALA A 110 -13.72 16.82 24.24
CA ALA A 110 -13.97 18.23 24.55
C ALA A 110 -14.93 18.79 23.49
N LEU A 111 -14.72 18.41 22.22
CA LEU A 111 -15.58 18.90 21.15
C LEU A 111 -17.04 18.43 21.33
N VAL A 112 -17.22 17.17 21.71
CA VAL A 112 -18.56 16.64 21.93
C VAL A 112 -19.22 17.43 23.06
N ASN A 113 -18.43 17.73 24.09
CA ASN A 113 -18.93 18.47 25.24
C ASN A 113 -19.35 19.88 24.83
N LEU A 114 -18.52 20.52 24.00
CA LEU A 114 -18.82 21.86 23.53
C LEU A 114 -20.10 21.86 22.70
N ALA A 115 -20.23 20.89 21.80
CA ALA A 115 -21.39 20.78 20.94
C ALA A 115 -22.65 20.62 21.79
N ASP A 116 -22.53 19.85 22.86
CA ASP A 116 -23.66 19.65 23.74
C ASP A 116 -23.95 20.91 24.53
N GLU A 117 -22.90 21.55 25.04
CA GLU A 117 -23.03 22.75 25.85
C GLU A 117 -23.57 23.96 25.07
N GLU A 118 -23.21 24.06 23.79
CA GLU A 118 -23.65 25.17 22.96
C GLU A 118 -24.76 24.74 22.01
N LYS A 119 -25.23 23.50 22.15
CA LYS A 119 -26.28 23.00 21.28
C LYS A 119 -25.96 23.21 19.80
N ALA A 120 -24.73 22.88 19.41
CA ALA A 120 -24.30 23.00 18.02
C ALA A 120 -25.14 22.13 17.08
N ASP A 121 -25.16 22.48 15.80
CA ASP A 121 -25.89 21.68 14.82
C ASP A 121 -24.99 21.32 13.63
N LEU A 122 -23.78 21.87 13.64
CA LEU A 122 -22.83 21.58 12.59
C LEU A 122 -21.37 21.73 13.05
N LEU A 123 -20.57 20.68 12.88
CA LEU A 123 -19.16 20.74 13.24
C LEU A 123 -18.37 20.77 11.95
N VAL A 124 -17.36 21.61 11.89
CA VAL A 124 -16.55 21.76 10.70
C VAL A 124 -15.06 21.64 10.98
N VAL A 125 -14.35 20.89 10.13
CA VAL A 125 -12.89 20.79 10.26
C VAL A 125 -12.26 20.73 8.89
N GLY A 126 -11.01 21.14 8.81
CA GLY A 126 -10.32 21.07 7.54
C GLY A 126 -9.71 19.69 7.49
N ASN A 127 -9.71 19.08 6.30
CA ASN A 127 -9.16 17.74 6.14
C ASN A 127 -7.67 17.77 6.41
N VAL A 128 -7.12 16.67 6.87
CA VAL A 128 -5.69 16.60 7.13
C VAL A 128 -5.35 15.13 7.27
N GLY A 129 -4.08 14.78 7.10
CA GLY A 129 -3.68 13.39 7.22
C GLY A 129 -2.18 13.19 7.04
N LEU A 130 -1.72 11.97 7.26
CA LEU A 130 -0.30 11.63 7.10
C LEU A 130 -0.22 10.85 5.80
N SER A 131 0.93 10.92 5.13
CA SER A 131 1.09 10.24 3.84
C SER A 131 1.90 8.94 3.91
N THR A 132 2.17 8.46 5.11
CA THR A 132 2.90 7.21 5.23
C THR A 132 1.92 6.06 5.10
N ILE A 133 2.43 4.85 4.96
CA ILE A 133 1.56 3.71 4.82
C ILE A 133 0.60 3.68 6.00
N ALA A 134 1.15 3.73 7.20
CA ALA A 134 0.33 3.71 8.39
C ALA A 134 -0.66 4.90 8.41
N GLY A 135 -0.15 6.10 8.14
CA GLY A 135 -1.00 7.28 8.15
C GLY A 135 -2.25 7.10 7.30
N ARG A 136 -2.07 6.54 6.11
CA ARG A 136 -3.21 6.33 5.22
C ARG A 136 -4.05 5.12 5.58
N LEU A 137 -3.42 4.04 6.01
CA LEU A 137 -4.15 2.83 6.35
C LEU A 137 -5.09 3.03 7.54
N LEU A 138 -4.64 3.82 8.51
CA LEU A 138 -5.41 4.06 9.72
C LEU A 138 -6.45 5.17 9.66
N GLY A 139 -6.59 5.79 8.49
CA GLY A 139 -7.53 6.87 8.34
C GLY A 139 -8.97 6.45 8.17
N SER A 140 -9.84 7.45 8.00
CA SER A 140 -11.25 7.19 7.80
C SER A 140 -11.53 7.37 6.31
N VAL A 141 -12.55 6.70 5.80
CA VAL A 141 -12.92 6.80 4.39
C VAL A 141 -13.47 8.18 4.06
N PRO A 142 -14.34 8.74 4.92
CA PRO A 142 -14.85 10.07 4.57
C PRO A 142 -13.72 11.08 4.38
N ALA A 143 -12.65 10.96 5.15
CA ALA A 143 -11.55 11.90 4.97
C ALA A 143 -10.81 11.58 3.68
N ASN A 144 -10.73 10.30 3.37
CA ASN A 144 -10.04 9.85 2.18
C ASN A 144 -10.75 10.34 0.92
N VAL A 145 -12.06 10.20 0.89
CA VAL A 145 -12.83 10.65 -0.26
C VAL A 145 -12.64 12.15 -0.43
N SER A 146 -12.74 12.89 0.67
CA SER A 146 -12.58 14.33 0.63
C SER A 146 -11.30 14.70 -0.11
N ARG A 147 -10.22 13.98 0.17
CA ARG A 147 -8.94 14.25 -0.47
C ARG A 147 -8.95 13.71 -1.91
N ARG A 148 -9.46 12.50 -2.08
CA ARG A 148 -9.53 11.87 -3.40
C ARG A 148 -10.21 12.77 -4.42
N ALA A 149 -11.47 13.10 -4.15
CA ALA A 149 -12.28 13.92 -5.03
C ALA A 149 -12.19 15.42 -4.76
N LYS A 150 -11.17 15.84 -4.01
CA LYS A 150 -11.00 17.25 -3.68
C LYS A 150 -12.37 17.90 -3.45
N VAL A 151 -13.18 17.29 -2.60
CA VAL A 151 -14.52 17.80 -2.32
C VAL A 151 -14.85 17.79 -0.82
N ASP A 152 -15.81 18.60 -0.41
CA ASP A 152 -16.21 18.66 0.98
C ASP A 152 -17.22 17.54 1.23
N VAL A 153 -17.18 16.97 2.43
CA VAL A 153 -18.07 15.88 2.80
C VAL A 153 -18.92 16.27 4.01
N LEU A 154 -20.22 15.97 3.93
CA LEU A 154 -21.14 16.31 5.00
C LEU A 154 -21.89 15.10 5.52
N ILE A 155 -21.76 14.83 6.82
CA ILE A 155 -22.45 13.71 7.45
C ILE A 155 -23.64 14.25 8.21
N VAL A 156 -24.83 13.78 7.84
CA VAL A 156 -26.07 14.24 8.46
C VAL A 156 -26.49 13.26 9.54
N HIS A 157 -26.56 13.74 10.77
CA HIS A 157 -26.95 12.86 11.87
C HIS A 157 -28.39 12.44 11.71
N THR A 158 -28.83 11.47 12.50
CA THR A 158 -30.20 11.01 12.46
C THR A 158 -30.80 11.16 13.85
N THR A 159 -32.11 10.98 13.96
CA THR A 159 -32.80 11.10 15.25
C THR A 159 -32.06 10.34 16.35
N SER B 13 -12.71 35.49 -2.11
CA SER B 13 -13.69 35.00 -1.10
C SER B 13 -14.35 33.68 -1.53
N LEU B 14 -15.27 33.19 -0.70
CA LEU B 14 -15.98 31.93 -0.99
C LEU B 14 -17.45 32.13 -1.21
N SER B 15 -18.03 31.24 -2.03
CA SER B 15 -19.45 31.30 -2.35
C SER B 15 -20.13 29.96 -2.04
N ALA B 16 -21.46 29.98 -1.96
CA ALA B 16 -22.24 28.77 -1.68
C ALA B 16 -21.89 27.63 -2.62
N TYR B 17 -22.30 26.42 -2.25
CA TYR B 17 -22.03 25.25 -3.06
C TYR B 17 -22.89 25.28 -4.33
N LYS B 18 -22.34 24.82 -5.44
CA LYS B 18 -23.07 24.80 -6.71
C LYS B 18 -23.54 23.42 -7.14
N THR B 19 -22.67 22.43 -6.98
CA THR B 19 -22.99 21.05 -7.34
C THR B 19 -22.94 20.15 -6.10
N VAL B 20 -24.12 19.79 -5.61
CA VAL B 20 -24.25 18.94 -4.43
C VAL B 20 -24.76 17.55 -4.76
N VAL B 21 -24.03 16.55 -4.28
CA VAL B 21 -24.40 15.15 -4.48
C VAL B 21 -24.82 14.56 -3.15
N VAL B 22 -25.77 13.63 -3.19
CA VAL B 22 -26.23 13.00 -1.96
C VAL B 22 -26.64 11.56 -2.24
N GLY B 23 -26.03 10.62 -1.51
CA GLY B 23 -26.37 9.23 -1.71
C GLY B 23 -27.57 8.88 -0.86
N THR B 24 -28.31 7.87 -1.26
CA THR B 24 -29.49 7.45 -0.50
C THR B 24 -29.88 6.02 -0.86
N ASP B 25 -30.49 5.33 0.10
CA ASP B 25 -30.92 3.95 -0.11
C ASP B 25 -32.40 3.85 0.24
N GLY B 26 -33.04 5.01 0.40
CA GLY B 26 -34.46 5.03 0.72
C GLY B 26 -34.80 4.98 2.19
N SER B 27 -33.80 4.68 3.03
CA SER B 27 -34.00 4.60 4.49
C SER B 27 -34.35 5.97 5.07
N ASP B 28 -34.98 5.98 6.23
CA ASP B 28 -35.35 7.24 6.88
C ASP B 28 -34.10 8.14 7.00
N SER B 29 -32.99 7.51 7.36
CA SER B 29 -31.72 8.24 7.49
C SER B 29 -31.43 8.99 6.20
N SER B 30 -31.46 8.28 5.09
CA SER B 30 -31.17 8.88 3.79
C SER B 30 -32.07 10.07 3.50
N MSE B 31 -33.36 9.92 3.76
CA MSE B 31 -34.31 11.00 3.50
C MSE B 31 -33.95 12.29 4.24
O MSE B 31 -34.13 13.38 3.70
CB MSE B 31 -35.72 10.55 3.85
CG MSE B 31 -36.27 9.49 2.88
SE MSE B 31 -36.14 10.03 1.00
CE MSE B 31 -34.48 9.17 0.51
N ARG B 32 -33.42 12.17 5.45
CA ARG B 32 -33.02 13.36 6.21
C ARG B 32 -31.83 14.02 5.53
N ALA B 33 -30.92 13.22 5.01
CA ALA B 33 -29.77 13.77 4.34
C ALA B 33 -30.20 14.45 3.04
N VAL B 34 -31.27 13.92 2.43
CA VAL B 34 -31.79 14.48 1.19
C VAL B 34 -32.29 15.88 1.47
N ASP B 35 -33.11 15.99 2.51
CA ASP B 35 -33.66 17.27 2.92
C ASP B 35 -32.55 18.31 3.15
N ARG B 36 -31.52 17.93 3.90
CA ARG B 36 -30.42 18.84 4.16
C ARG B 36 -29.69 19.20 2.88
N ALA B 37 -29.44 18.21 2.02
CA ALA B 37 -28.74 18.47 0.77
C ALA B 37 -29.53 19.46 -0.08
N ALA B 38 -30.85 19.26 -0.12
CA ALA B 38 -31.75 20.12 -0.89
C ALA B 38 -31.78 21.55 -0.32
N GLN B 39 -31.81 21.66 1.01
CA GLN B 39 -31.83 22.94 1.71
C GLN B 39 -30.60 23.73 1.27
N ILE B 40 -29.49 23.03 1.07
CA ILE B 40 -28.26 23.67 0.66
C ILE B 40 -28.27 23.95 -0.83
N ALA B 41 -28.78 23.01 -1.61
CA ALA B 41 -28.83 23.17 -3.06
C ALA B 41 -29.72 24.36 -3.42
N GLY B 42 -30.83 24.48 -2.70
CA GLY B 42 -31.75 25.58 -2.92
C GLY B 42 -32.26 25.67 -4.35
N ALA B 43 -32.03 26.83 -4.97
CA ALA B 43 -32.48 27.06 -6.34
C ALA B 43 -31.34 27.37 -7.30
N ASP B 44 -30.26 27.95 -6.80
CA ASP B 44 -29.17 28.29 -7.69
C ASP B 44 -28.07 27.24 -7.76
N ALA B 45 -28.37 26.04 -7.25
CA ALA B 45 -27.40 24.96 -7.26
C ALA B 45 -28.02 23.65 -7.71
N LYS B 46 -27.21 22.79 -8.33
CA LYS B 46 -27.69 21.50 -8.79
C LYS B 46 -27.52 20.39 -7.76
N LEU B 47 -28.62 19.69 -7.48
CA LEU B 47 -28.64 18.58 -6.53
C LEU B 47 -28.66 17.26 -7.29
N ILE B 48 -27.63 16.44 -7.08
CA ILE B 48 -27.56 15.14 -7.76
C ILE B 48 -27.81 14.03 -6.75
N ILE B 49 -28.95 13.38 -6.84
CA ILE B 49 -29.26 12.30 -5.92
C ILE B 49 -28.69 10.99 -6.49
N ALA B 50 -27.96 10.24 -5.67
CA ALA B 50 -27.36 8.99 -6.10
C ALA B 50 -27.76 7.81 -5.23
N SER B 51 -27.74 6.61 -5.81
CA SER B 51 -28.05 5.40 -5.08
C SER B 51 -27.31 4.23 -5.70
N ALA B 52 -26.74 3.40 -4.85
CA ALA B 52 -25.98 2.25 -5.29
C ALA B 52 -26.88 1.21 -5.93
N TYR B 53 -26.47 0.72 -7.09
CA TYR B 53 -27.23 -0.30 -7.82
C TYR B 53 -26.67 -1.69 -7.54
N LEU B 54 -27.53 -2.59 -7.06
CA LEU B 54 -27.12 -3.95 -6.73
C LEU B 54 -26.03 -3.94 -5.67
N PRO B 55 -26.39 -3.56 -4.43
CA PRO B 55 -25.46 -3.50 -3.30
C PRO B 55 -24.72 -4.83 -3.08
N THR B 76 -39.13 0.71 -13.55
CA THR B 76 -39.70 -0.34 -12.72
C THR B 76 -38.68 -0.93 -11.74
N ALA B 77 -37.43 -0.47 -11.86
CA ALA B 77 -36.34 -0.94 -10.99
C ALA B 77 -36.48 -0.37 -9.58
N PRO B 78 -36.26 -1.20 -8.54
CA PRO B 78 -36.34 -0.76 -7.15
C PRO B 78 -35.52 0.49 -6.88
N ILE B 79 -34.36 0.58 -7.50
CA ILE B 79 -33.47 1.72 -7.32
C ILE B 79 -34.04 2.98 -7.94
N TYR B 80 -34.70 2.83 -9.08
CA TYR B 80 -35.30 3.97 -9.75
C TYR B 80 -36.46 4.53 -8.92
N GLU B 81 -37.19 3.65 -8.25
CA GLU B 81 -38.30 4.10 -7.44
C GLU B 81 -37.76 4.94 -6.27
N ILE B 82 -36.66 4.46 -5.68
CA ILE B 82 -36.03 5.18 -4.58
C ILE B 82 -35.62 6.56 -5.09
N LEU B 83 -34.94 6.58 -6.22
CA LEU B 83 -34.50 7.83 -6.81
C LEU B 83 -35.68 8.75 -7.06
N HIS B 84 -36.84 8.16 -7.37
CA HIS B 84 -38.05 8.94 -7.64
C HIS B 84 -38.54 9.58 -6.35
N ASP B 85 -38.60 8.78 -5.29
CA ASP B 85 -39.05 9.25 -3.99
C ASP B 85 -38.12 10.35 -3.47
N ALA B 86 -36.85 10.28 -3.85
CA ALA B 86 -35.87 11.26 -3.42
C ALA B 86 -36.03 12.58 -4.17
N LYS B 87 -36.26 12.48 -5.48
CA LYS B 87 -36.44 13.66 -6.32
C LYS B 87 -37.63 14.48 -5.83
N GLU B 88 -38.67 13.77 -5.40
CA GLU B 88 -39.88 14.40 -4.91
C GLU B 88 -39.62 15.09 -3.56
N ARG B 89 -38.99 14.35 -2.65
CA ARG B 89 -38.68 14.91 -1.34
C ARG B 89 -37.79 16.13 -1.52
N ALA B 90 -36.81 16.01 -2.42
CA ALA B 90 -35.90 17.10 -2.70
C ALA B 90 -36.66 18.33 -3.17
N HIS B 91 -37.50 18.16 -4.19
CA HIS B 91 -38.30 19.24 -4.76
C HIS B 91 -39.07 19.98 -3.65
N ASN B 92 -39.77 19.22 -2.81
CA ASN B 92 -40.53 19.80 -1.71
C ASN B 92 -39.61 20.52 -0.72
N ALA B 93 -38.37 20.04 -0.60
CA ALA B 93 -37.41 20.65 0.31
C ALA B 93 -36.95 21.99 -0.25
N GLY B 94 -37.21 22.23 -1.52
CA GLY B 94 -36.81 23.48 -2.15
C GLY B 94 -35.73 23.34 -3.21
N ALA B 95 -35.45 22.11 -3.61
CA ALA B 95 -34.42 21.89 -4.63
C ALA B 95 -35.04 22.08 -6.01
N LYS B 96 -34.43 22.94 -6.82
CA LYS B 96 -34.93 23.21 -8.17
C LYS B 96 -34.31 22.27 -9.20
N ASN B 97 -32.99 22.35 -9.34
CA ASN B 97 -32.27 21.53 -10.30
C ASN B 97 -31.85 20.21 -9.68
N VAL B 98 -32.73 19.21 -9.79
CA VAL B 98 -32.47 17.88 -9.26
C VAL B 98 -32.33 16.88 -10.39
N GLU B 99 -31.75 15.73 -10.09
CA GLU B 99 -31.58 14.68 -11.10
C GLU B 99 -31.12 13.37 -10.49
N GLU B 100 -31.86 12.31 -10.77
CA GLU B 100 -31.55 10.98 -10.26
C GLU B 100 -30.33 10.44 -11.01
N ARG B 101 -29.64 9.49 -10.39
CA ARG B 101 -28.47 8.90 -11.04
C ARG B 101 -27.96 7.66 -10.30
N PRO B 102 -28.23 6.47 -10.86
CA PRO B 102 -27.79 5.21 -10.26
C PRO B 102 -26.26 5.04 -10.28
N ILE B 103 -25.72 4.47 -9.21
CA ILE B 103 -24.29 4.23 -9.08
C ILE B 103 -24.01 2.76 -9.35
N VAL B 104 -22.96 2.49 -10.12
CA VAL B 104 -22.62 1.11 -10.48
C VAL B 104 -21.21 0.73 -10.05
N GLY B 105 -21.09 -0.47 -9.48
CA GLY B 105 -19.78 -0.94 -9.03
C GLY B 105 -19.56 -0.59 -7.57
N ALA B 106 -18.30 -0.55 -7.15
CA ALA B 106 -17.99 -0.21 -5.77
C ALA B 106 -18.47 1.22 -5.55
N PRO B 107 -19.44 1.40 -4.67
CA PRO B 107 -20.01 2.72 -4.38
C PRO B 107 -19.02 3.85 -4.16
N VAL B 108 -18.00 3.64 -3.35
CA VAL B 108 -17.05 4.72 -3.11
C VAL B 108 -16.35 5.21 -4.37
N ASP B 109 -15.76 4.30 -5.13
CA ASP B 109 -15.08 4.69 -6.35
C ASP B 109 -16.03 5.41 -7.32
N ALA B 110 -17.23 4.86 -7.47
CA ALA B 110 -18.22 5.45 -8.36
C ALA B 110 -18.55 6.85 -7.86
N LEU B 111 -18.73 6.99 -6.56
CA LEU B 111 -19.06 8.27 -5.96
C LEU B 111 -17.92 9.26 -6.23
N VAL B 112 -16.68 8.79 -6.11
CA VAL B 112 -15.51 9.63 -6.35
C VAL B 112 -15.47 10.03 -7.81
N ASN B 113 -15.80 9.09 -8.68
CA ASN B 113 -15.80 9.36 -10.13
C ASN B 113 -16.92 10.35 -10.41
N LEU B 114 -18.12 10.03 -9.93
CA LEU B 114 -19.29 10.89 -10.12
C LEU B 114 -18.98 12.31 -9.68
N ALA B 115 -18.29 12.46 -8.56
CA ALA B 115 -17.95 13.77 -8.03
C ALA B 115 -17.11 14.56 -9.02
N ASP B 116 -16.11 13.90 -9.60
CA ASP B 116 -15.23 14.56 -10.55
C ASP B 116 -15.89 14.81 -11.91
N GLU B 117 -16.71 13.86 -12.37
CA GLU B 117 -17.40 14.01 -13.65
C GLU B 117 -18.40 15.16 -13.57
N GLU B 118 -19.07 15.30 -12.44
CA GLU B 118 -20.04 16.37 -12.25
C GLU B 118 -19.37 17.56 -11.59
N LYS B 119 -18.07 17.44 -11.34
CA LYS B 119 -17.32 18.50 -10.68
C LYS B 119 -18.06 18.99 -9.43
N ALA B 120 -18.61 18.05 -8.67
CA ALA B 120 -19.34 18.38 -7.46
C ALA B 120 -18.44 19.08 -6.45
N ASP B 121 -19.03 19.90 -5.60
CA ASP B 121 -18.26 20.61 -4.56
C ASP B 121 -18.71 20.20 -3.15
N LEU B 122 -19.62 19.24 -3.06
CA LEU B 122 -20.12 18.76 -1.77
C LEU B 122 -20.80 17.39 -1.86
N LEU B 123 -20.42 16.46 -0.98
CA LEU B 123 -21.06 15.14 -0.96
C LEU B 123 -21.79 15.07 0.38
N VAL B 124 -22.99 14.48 0.36
CA VAL B 124 -23.80 14.38 1.56
C VAL B 124 -24.33 12.96 1.76
N VAL B 125 -24.17 12.42 2.97
CA VAL B 125 -24.70 11.09 3.27
C VAL B 125 -25.33 11.13 4.63
N GLY B 126 -26.26 10.21 4.85
CA GLY B 126 -26.94 10.12 6.13
C GLY B 126 -26.12 9.18 7.00
N ASN B 127 -25.94 9.55 8.26
CA ASN B 127 -25.15 8.73 9.16
C ASN B 127 -25.82 7.39 9.43
N VAL B 128 -25.06 6.31 9.38
CA VAL B 128 -25.61 4.99 9.63
C VAL B 128 -24.50 4.10 10.20
N GLY B 129 -24.88 3.08 10.97
CA GLY B 129 -23.87 2.20 11.55
C GLY B 129 -24.42 1.04 12.36
N LEU B 130 -23.57 0.06 12.66
CA LEU B 130 -24.01 -1.10 13.43
C LEU B 130 -23.70 -0.88 14.92
N SER B 131 -24.51 -1.48 15.79
CA SER B 131 -24.33 -1.34 17.24
C SER B 131 -23.61 -2.49 17.92
N THR B 132 -23.06 -3.40 17.14
CA THR B 132 -22.33 -4.53 17.72
C THR B 132 -20.93 -4.06 18.09
N ILE B 133 -20.20 -4.87 18.84
CA ILE B 133 -18.84 -4.46 19.19
C ILE B 133 -18.05 -4.16 17.91
N ALA B 134 -18.07 -5.09 16.95
CA ALA B 134 -17.34 -4.88 15.71
C ALA B 134 -17.85 -3.66 14.95
N GLY B 135 -19.18 -3.55 14.86
CA GLY B 135 -19.79 -2.42 14.15
C GLY B 135 -19.31 -1.06 14.58
N ARG B 136 -19.22 -0.83 15.90
CA ARG B 136 -18.76 0.45 16.43
C ARG B 136 -17.24 0.56 16.42
N LEU B 137 -16.56 -0.53 16.74
CA LEU B 137 -15.10 -0.55 16.79
C LEU B 137 -14.48 -0.33 15.41
N LEU B 138 -15.18 -0.77 14.36
CA LEU B 138 -14.67 -0.64 13.01
C LEU B 138 -15.08 0.61 12.24
N GLY B 139 -15.86 1.49 12.89
CA GLY B 139 -16.29 2.71 12.22
C GLY B 139 -15.27 3.84 12.22
N SER B 140 -15.67 4.98 11.70
CA SER B 140 -14.80 6.15 11.62
C SER B 140 -15.23 7.11 12.72
N VAL B 141 -14.28 7.96 13.14
CA VAL B 141 -14.56 8.93 14.18
C VAL B 141 -15.56 10.00 13.72
N PRO B 142 -15.47 10.44 12.46
CA PRO B 142 -16.44 11.47 12.07
C PRO B 142 -17.88 10.96 12.18
N ALA B 143 -18.11 9.71 11.78
CA ALA B 143 -19.46 9.13 11.87
C ALA B 143 -19.85 8.96 13.33
N ASN B 144 -18.87 8.58 14.13
CA ASN B 144 -19.10 8.35 15.53
C ASN B 144 -19.44 9.64 16.27
N VAL B 145 -18.68 10.70 16.02
CA VAL B 145 -18.95 11.96 16.70
C VAL B 145 -20.32 12.49 16.31
N SER B 146 -20.68 12.31 15.05
CA SER B 146 -21.98 12.76 14.56
C SER B 146 -23.11 12.10 15.34
N ARG B 147 -22.93 10.81 15.68
CA ARG B 147 -23.93 10.09 16.43
C ARG B 147 -23.89 10.48 17.92
N ARG B 148 -22.70 10.58 18.49
CA ARG B 148 -22.59 10.92 19.91
C ARG B 148 -23.22 12.27 20.26
N ALA B 149 -22.93 13.27 19.45
CA ALA B 149 -23.44 14.60 19.65
C ALA B 149 -24.72 14.90 18.87
N LYS B 150 -25.20 13.93 18.09
CA LYS B 150 -26.41 14.15 17.30
C LYS B 150 -26.24 15.46 16.56
N VAL B 151 -25.15 15.57 15.81
CA VAL B 151 -24.85 16.78 15.08
C VAL B 151 -24.33 16.41 13.70
N ASP B 152 -24.38 17.36 12.77
CA ASP B 152 -23.86 17.09 11.44
C ASP B 152 -22.38 17.44 11.37
N VAL B 153 -21.62 16.68 10.57
CA VAL B 153 -20.18 16.90 10.45
C VAL B 153 -19.75 17.22 9.04
N LEU B 154 -19.00 18.31 8.91
CA LEU B 154 -18.51 18.76 7.63
C LEU B 154 -16.99 18.73 7.54
N ILE B 155 -16.50 18.05 6.52
CA ILE B 155 -15.06 17.93 6.29
C ILE B 155 -14.74 18.75 5.04
N VAL B 156 -13.99 19.83 5.23
CA VAL B 156 -13.63 20.73 4.14
C VAL B 156 -12.30 20.29 3.53
N HIS B 157 -12.29 20.07 2.23
CA HIS B 157 -11.06 19.65 1.56
C HIS B 157 -10.06 20.78 1.52
N THR B 158 -8.80 20.43 1.28
CA THR B 158 -7.73 21.42 1.21
C THR B 158 -7.34 21.61 -0.25
N THR B 159 -6.35 22.46 -0.50
CA THR B 159 -5.90 22.72 -1.87
C THR B 159 -4.37 22.73 -1.95
N SER C 13 -8.70 -25.72 13.68
CA SER C 13 -7.80 -26.21 12.59
C SER C 13 -7.04 -25.08 11.87
N LEU C 14 -7.14 -23.86 12.41
CA LEU C 14 -6.45 -22.71 11.81
C LEU C 14 -4.95 -22.74 12.04
N SER C 15 -4.22 -22.54 10.95
CA SER C 15 -2.76 -22.51 10.97
C SER C 15 -2.31 -21.06 11.06
N ALA C 16 -1.04 -20.88 11.40
CA ALA C 16 -0.44 -19.57 11.52
C ALA C 16 -0.43 -18.85 10.18
N TYR C 17 -0.24 -17.54 10.22
CA TYR C 17 -0.20 -16.75 8.99
C TYR C 17 1.02 -17.14 8.15
N LYS C 18 0.89 -17.06 6.84
CA LYS C 18 1.99 -17.44 5.95
C LYS C 18 2.75 -16.24 5.43
N THR C 19 2.02 -15.27 4.89
CA THR C 19 2.63 -14.06 4.34
C THR C 19 2.22 -12.82 5.13
N VAL C 20 3.16 -12.32 5.93
CA VAL C 20 2.93 -11.13 6.74
C VAL C 20 3.63 -9.89 6.15
N VAL C 21 2.84 -8.86 5.83
CA VAL C 21 3.39 -7.61 5.32
C VAL C 21 3.26 -6.55 6.42
N VAL C 22 4.35 -5.86 6.72
CA VAL C 22 4.35 -4.80 7.73
C VAL C 22 4.84 -3.49 7.10
N GLY C 23 4.28 -2.36 7.54
CA GLY C 23 4.67 -1.07 6.99
C GLY C 23 5.52 -0.33 8.01
N THR C 24 6.46 0.49 7.54
CA THR C 24 7.30 1.23 8.46
C THR C 24 7.85 2.49 7.81
N ASP C 25 8.10 3.50 8.63
CA ASP C 25 8.66 4.73 8.09
C ASP C 25 9.97 5.02 8.79
N GLY C 26 10.43 4.08 9.61
CA GLY C 26 11.69 4.27 10.30
C GLY C 26 11.60 4.86 11.70
N SER C 27 10.46 5.46 12.02
CA SER C 27 10.25 6.05 13.35
C SER C 27 10.20 4.95 14.39
N ASP C 28 10.09 5.34 15.66
CA ASP C 28 10.03 4.36 16.75
C ASP C 28 8.77 3.51 16.68
N SER C 29 7.63 4.16 16.46
CA SER C 29 6.37 3.45 16.35
C SER C 29 6.54 2.31 15.32
N SER C 30 6.97 2.66 14.12
CA SER C 30 7.15 1.67 13.07
C SER C 30 8.01 0.48 13.50
N MSE C 31 9.05 0.75 14.27
CA MSE C 31 9.91 -0.33 14.69
C MSE C 31 9.19 -1.29 15.62
O MSE C 31 9.44 -2.49 15.58
CB MSE C 31 11.19 0.22 15.34
CG MSE C 31 12.16 0.86 14.32
SE MSE C 31 12.36 -0.20 12.65
CE MSE C 31 11.68 1.06 11.38
N ARG C 32 8.27 -0.80 16.44
CA ARG C 32 7.54 -1.71 17.31
C ARG C 32 6.69 -2.61 16.41
N ALA C 33 6.03 -2.01 15.43
CA ALA C 33 5.21 -2.79 14.52
C ALA C 33 6.05 -3.87 13.83
N VAL C 34 7.30 -3.54 13.50
CA VAL C 34 8.21 -4.48 12.84
C VAL C 34 8.51 -5.63 13.80
N ASP C 35 8.78 -5.31 15.06
CA ASP C 35 9.06 -6.35 16.04
C ASP C 35 7.88 -7.31 16.10
N ARG C 36 6.69 -6.78 16.34
CA ARG C 36 5.50 -7.62 16.42
C ARG C 36 5.33 -8.45 15.15
N ALA C 37 5.48 -7.81 13.99
CA ALA C 37 5.33 -8.51 12.72
C ALA C 37 6.33 -9.66 12.60
N ALA C 38 7.56 -9.41 13.04
CA ALA C 38 8.59 -10.44 12.97
C ALA C 38 8.21 -11.59 13.89
N GLN C 39 7.84 -11.24 15.12
CA GLN C 39 7.46 -12.24 16.13
C GLN C 39 6.36 -13.15 15.61
N ILE C 40 5.48 -12.63 14.76
CA ILE C 40 4.40 -13.42 14.20
C ILE C 40 4.85 -14.27 13.00
N ALA C 41 5.63 -13.67 12.10
CA ALA C 41 6.12 -14.38 10.92
C ALA C 41 7.03 -15.52 11.32
N GLY C 42 7.76 -15.31 12.41
CA GLY C 42 8.67 -16.32 12.91
C GLY C 42 9.60 -16.88 11.85
N ALA C 43 9.69 -18.21 11.80
CA ALA C 43 10.57 -18.86 10.85
C ALA C 43 9.84 -19.56 9.71
N ASP C 44 8.60 -19.94 9.93
CA ASP C 44 7.84 -20.63 8.90
C ASP C 44 6.91 -19.74 8.10
N ALA C 45 7.15 -18.44 8.12
CA ALA C 45 6.32 -17.49 7.39
C ALA C 45 7.15 -16.45 6.66
N LYS C 46 6.59 -15.93 5.59
CA LYS C 46 7.25 -14.92 4.79
C LYS C 46 6.88 -13.53 5.35
N LEU C 47 7.90 -12.71 5.61
CA LEU C 47 7.73 -11.35 6.14
C LEU C 47 8.21 -10.30 5.13
N ILE C 48 7.27 -9.55 4.55
CA ILE C 48 7.59 -8.49 3.60
C ILE C 48 7.52 -7.12 4.27
N ILE C 49 8.64 -6.43 4.37
CA ILE C 49 8.66 -5.10 4.96
C ILE C 49 8.50 -4.02 3.90
N ALA C 50 7.45 -3.22 4.04
CA ALA C 50 7.16 -2.17 3.10
C ALA C 50 7.36 -0.77 3.68
N SER C 51 7.68 0.17 2.81
CA SER C 51 7.86 1.55 3.20
C SER C 51 7.45 2.42 2.03
N ALA C 52 6.70 3.48 2.33
CA ALA C 52 6.22 4.39 1.30
C ALA C 52 7.35 5.33 0.86
N TYR C 53 7.50 5.46 -0.45
CA TYR C 53 8.51 6.32 -1.04
C TYR C 53 7.90 7.69 -1.25
N LEU C 54 8.41 8.68 -0.53
CA LEU C 54 7.89 10.05 -0.64
C LEU C 54 8.97 11.10 -0.42
N PRO C 55 9.63 11.53 -1.51
CA PRO C 55 10.70 12.53 -1.44
C PRO C 55 10.22 13.92 -0.97
N THR C 76 22.01 6.16 -3.73
CA THR C 76 20.79 5.38 -3.48
C THR C 76 19.87 6.08 -2.49
N ALA C 77 18.58 6.06 -2.78
CA ALA C 77 17.57 6.69 -1.94
C ALA C 77 17.61 6.25 -0.47
N PRO C 78 17.41 7.20 0.44
CA PRO C 78 17.40 6.99 1.89
C PRO C 78 16.36 5.95 2.34
N ILE C 79 15.39 5.66 1.48
CA ILE C 79 14.39 4.66 1.85
C ILE C 79 15.05 3.28 1.93
N TYR C 80 16.05 3.02 1.11
CA TYR C 80 16.70 1.71 1.17
C TYR C 80 17.47 1.49 2.48
N GLU C 81 17.89 2.56 3.13
CA GLU C 81 18.61 2.40 4.40
C GLU C 81 17.59 2.07 5.50
N ILE C 82 16.39 2.63 5.38
CA ILE C 82 15.32 2.38 6.34
C ILE C 82 14.85 0.92 6.22
N LEU C 83 14.68 0.46 4.98
CA LEU C 83 14.26 -0.90 4.70
C LEU C 83 15.31 -1.88 5.17
N HIS C 84 16.57 -1.49 5.07
CA HIS C 84 17.66 -2.36 5.49
C HIS C 84 17.68 -2.54 6.99
N ASP C 85 17.52 -1.44 7.71
CA ASP C 85 17.54 -1.50 9.17
C ASP C 85 16.35 -2.29 9.68
N ALA C 86 15.19 -2.05 9.08
CA ALA C 86 13.99 -2.76 9.48
C ALA C 86 14.18 -4.25 9.25
N LYS C 87 14.83 -4.60 8.14
CA LYS C 87 15.09 -5.99 7.78
C LYS C 87 15.97 -6.63 8.83
N GLU C 88 16.97 -5.89 9.32
CA GLU C 88 17.83 -6.45 10.35
C GLU C 88 17.05 -6.58 11.63
N ARG C 89 16.16 -5.64 11.90
CA ARG C 89 15.34 -5.69 13.11
C ARG C 89 14.49 -6.96 13.08
N ALA C 90 13.89 -7.22 11.94
CA ALA C 90 13.05 -8.39 11.76
C ALA C 90 13.89 -9.64 12.03
N HIS C 91 15.15 -9.62 11.59
CA HIS C 91 16.04 -10.77 11.82
C HIS C 91 16.35 -10.92 13.30
N ASN C 92 16.70 -9.82 13.97
CA ASN C 92 17.00 -9.86 15.41
C ASN C 92 15.77 -10.14 16.26
N ALA C 93 14.65 -10.44 15.60
CA ALA C 93 13.43 -10.73 16.34
C ALA C 93 13.00 -12.17 16.11
N GLY C 94 13.55 -12.81 15.09
CA GLY C 94 13.20 -14.19 14.81
C GLY C 94 12.71 -14.46 13.40
N ALA C 95 12.46 -13.39 12.65
CA ALA C 95 12.00 -13.55 11.28
C ALA C 95 13.14 -14.03 10.39
N LYS C 96 12.88 -15.07 9.60
CA LYS C 96 13.89 -15.63 8.71
C LYS C 96 13.66 -15.20 7.27
N ASN C 97 12.53 -15.57 6.71
CA ASN C 97 12.21 -15.24 5.33
C ASN C 97 11.77 -13.79 5.20
N VAL C 98 12.70 -12.87 5.41
CA VAL C 98 12.44 -11.43 5.33
C VAL C 98 12.87 -10.84 4.00
N GLU C 99 12.07 -9.90 3.50
CA GLU C 99 12.38 -9.21 2.26
C GLU C 99 11.79 -7.79 2.31
N GLU C 100 12.49 -6.84 1.71
CA GLU C 100 12.06 -5.45 1.72
C GLU C 100 11.33 -5.13 0.42
N ARG C 101 10.57 -4.05 0.42
CA ARG C 101 9.84 -3.65 -0.77
C ARG C 101 9.37 -2.20 -0.64
N PRO C 102 9.74 -1.34 -1.60
CA PRO C 102 9.32 0.07 -1.55
C PRO C 102 7.89 0.20 -2.07
N ILE C 103 7.09 1.06 -1.44
CA ILE C 103 5.72 1.30 -1.86
C ILE C 103 5.74 2.57 -2.70
N VAL C 104 5.12 2.50 -3.87
CA VAL C 104 5.11 3.62 -4.78
C VAL C 104 3.72 4.17 -5.10
N GLY C 105 3.61 5.49 -5.16
CA GLY C 105 2.34 6.11 -5.44
C GLY C 105 1.42 5.99 -4.23
N ALA C 106 0.11 6.11 -4.45
CA ALA C 106 -0.85 6.00 -3.36
C ALA C 106 -0.54 4.72 -2.60
N PRO C 107 -0.05 4.84 -1.35
CA PRO C 107 0.31 3.72 -0.50
C PRO C 107 -0.76 2.68 -0.23
N VAL C 108 -2.01 3.10 -0.04
CA VAL C 108 -3.04 2.11 0.21
C VAL C 108 -3.28 1.22 -1.00
N ASP C 109 -3.52 1.82 -2.16
CA ASP C 109 -3.74 1.04 -3.37
C ASP C 109 -2.57 0.12 -3.65
N ALA C 110 -1.37 0.63 -3.39
CA ALA C 110 -0.16 -0.15 -3.61
C ALA C 110 -0.16 -1.33 -2.65
N LEU C 111 -0.43 -1.05 -1.38
CA LEU C 111 -0.45 -2.08 -0.34
C LEU C 111 -1.47 -3.15 -0.69
N VAL C 112 -2.65 -2.73 -1.14
CA VAL C 112 -3.70 -3.67 -1.53
C VAL C 112 -3.17 -4.49 -2.70
N ASN C 113 -2.44 -3.83 -3.59
CA ASN C 113 -1.85 -4.50 -4.75
C ASN C 113 -0.76 -5.48 -4.31
N LEU C 114 0.05 -5.09 -3.34
CA LEU C 114 1.11 -5.96 -2.86
C LEU C 114 0.58 -7.21 -2.19
N ALA C 115 -0.45 -7.06 -1.37
CA ALA C 115 -1.05 -8.20 -0.67
C ALA C 115 -1.64 -9.20 -1.64
N ASP C 116 -2.31 -8.70 -2.66
CA ASP C 116 -2.94 -9.54 -3.67
C ASP C 116 -1.94 -10.26 -4.55
N GLU C 117 -0.80 -9.61 -4.78
CA GLU C 117 0.23 -10.17 -5.62
C GLU C 117 1.09 -11.14 -4.81
N GLU C 118 1.15 -10.95 -3.49
CA GLU C 118 1.93 -11.83 -2.64
C GLU C 118 1.09 -12.77 -1.81
N LYS C 119 -0.21 -12.79 -2.08
CA LYS C 119 -1.14 -13.64 -1.35
C LYS C 119 -1.00 -13.44 0.15
N ALA C 120 -0.80 -12.19 0.58
CA ALA C 120 -0.64 -11.90 2.01
C ALA C 120 -1.89 -12.21 2.82
N ASP C 121 -1.71 -12.66 4.05
CA ASP C 121 -2.84 -12.96 4.89
C ASP C 121 -2.81 -12.13 6.17
N LEU C 122 -1.91 -11.15 6.22
CA LEU C 122 -1.80 -10.29 7.39
C LEU C 122 -1.00 -9.02 7.12
N LEU C 123 -1.64 -7.86 7.32
CA LEU C 123 -0.96 -6.58 7.15
C LEU C 123 -0.79 -6.04 8.56
N VAL C 124 0.33 -5.37 8.81
CA VAL C 124 0.63 -4.81 10.11
C VAL C 124 1.19 -3.39 10.01
N VAL C 125 0.70 -2.47 10.86
CA VAL C 125 1.22 -1.10 10.91
C VAL C 125 1.22 -0.63 12.35
N GLY C 126 2.12 0.29 12.66
CA GLY C 126 2.20 0.84 13.99
C GLY C 126 1.23 2.01 14.01
N ASN C 127 0.57 2.21 15.15
CA ASN C 127 -0.42 3.28 15.27
C ASN C 127 0.26 4.62 15.17
N VAL C 128 -0.48 5.60 14.66
CA VAL C 128 0.08 6.93 14.53
C VAL C 128 -1.09 7.87 14.32
N GLY C 129 -0.92 9.14 14.64
CA GLY C 129 -2.01 10.09 14.46
C GLY C 129 -1.66 11.51 14.86
N LEU C 130 -2.59 12.44 14.62
CA LEU C 130 -2.38 13.84 14.96
C LEU C 130 -3.25 14.15 16.18
N SER C 131 -2.78 15.06 17.04
CA SER C 131 -3.53 15.40 18.23
C SER C 131 -4.33 16.70 18.17
N THR C 132 -4.55 17.22 16.97
CA THR C 132 -5.34 18.44 16.78
C THR C 132 -6.80 18.01 16.70
N ILE C 133 -7.73 18.96 16.79
CA ILE C 133 -9.14 18.61 16.70
C ILE C 133 -9.41 17.84 15.40
N ALA C 134 -8.96 18.37 14.28
CA ALA C 134 -9.19 17.72 13.01
C ALA C 134 -8.49 16.37 12.96
N GLY C 135 -7.22 16.35 13.38
CA GLY C 135 -6.45 15.13 13.38
C GLY C 135 -7.17 13.99 14.07
N ARG C 136 -7.69 14.25 15.26
CA ARG C 136 -8.39 13.22 16.01
C ARG C 136 -9.81 12.97 15.48
N LEU C 137 -10.48 14.03 15.05
CA LEU C 137 -11.84 13.90 14.54
C LEU C 137 -11.95 13.15 13.21
N LEU C 138 -10.90 13.19 12.40
CA LEU C 138 -10.90 12.52 11.10
C LEU C 138 -10.33 11.11 11.06
N GLY C 139 -9.93 10.59 12.22
CA GLY C 139 -9.36 9.26 12.29
C GLY C 139 -10.35 8.11 12.31
N SER C 140 -9.83 6.90 12.50
CA SER C 140 -10.68 5.71 12.53
C SER C 140 -10.83 5.24 13.97
N VAL C 141 -11.95 4.63 14.29
CA VAL C 141 -12.14 4.17 15.66
C VAL C 141 -11.12 3.11 16.08
N PRO C 142 -10.79 2.15 15.19
CA PRO C 142 -9.80 1.15 15.62
C PRO C 142 -8.48 1.81 16.00
N ALA C 143 -8.05 2.78 15.20
CA ALA C 143 -6.81 3.47 15.53
C ALA C 143 -6.94 4.10 16.90
N ASN C 144 -8.07 4.76 17.12
CA ASN C 144 -8.33 5.45 18.39
C ASN C 144 -8.38 4.53 19.61
N VAL C 145 -9.06 3.41 19.48
CA VAL C 145 -9.17 2.46 20.58
C VAL C 145 -7.79 1.91 20.88
N SER C 146 -7.00 1.65 19.83
CA SER C 146 -5.67 1.14 20.01
C SER C 146 -4.86 2.09 20.90
N ARG C 147 -4.99 3.39 20.64
CA ARG C 147 -4.28 4.39 21.44
C ARG C 147 -4.85 4.56 22.85
N ARG C 148 -6.18 4.67 22.97
CA ARG C 148 -6.82 4.85 24.28
C ARG C 148 -6.52 3.73 25.28
N ALA C 149 -6.58 2.49 24.79
CA ALA C 149 -6.34 1.32 25.61
C ALA C 149 -4.90 0.81 25.55
N LYS C 150 -4.05 1.45 24.77
CA LYS C 150 -2.66 1.01 24.65
C LYS C 150 -2.62 -0.50 24.43
N VAL C 151 -3.31 -0.91 23.37
CA VAL C 151 -3.43 -2.32 23.05
C VAL C 151 -3.44 -2.47 21.52
N ASP C 152 -3.12 -3.66 21.01
CA ASP C 152 -3.11 -3.87 19.57
C ASP C 152 -4.51 -4.28 19.16
N VAL C 153 -4.87 -4.02 17.90
CA VAL C 153 -6.18 -4.34 17.37
C VAL C 153 -6.09 -5.13 16.07
N LEU C 154 -6.79 -6.27 16.05
CA LEU C 154 -6.78 -7.15 14.90
C LEU C 154 -8.13 -7.26 14.21
N ILE C 155 -8.16 -6.96 12.91
CA ILE C 155 -9.39 -7.04 12.13
C ILE C 155 -9.27 -8.28 11.26
N VAL C 156 -10.16 -9.23 11.49
CA VAL C 156 -10.17 -10.49 10.76
C VAL C 156 -11.13 -10.37 9.60
N HIS C 157 -10.64 -10.62 8.40
CA HIS C 157 -11.51 -10.51 7.23
C HIS C 157 -12.47 -11.69 7.21
N THR C 158 -13.55 -11.55 6.45
CA THR C 158 -14.57 -12.59 6.31
C THR C 158 -14.45 -13.22 4.91
N THR C 159 -15.29 -14.21 4.63
CA THR C 159 -15.27 -14.88 3.33
C THR C 159 -15.32 -13.87 2.17
N SER D 13 12.48 -7.98 20.97
CA SER D 13 12.42 -9.27 21.74
C SER D 13 11.10 -9.31 22.50
N LEU D 14 10.05 -8.83 21.84
CA LEU D 14 8.72 -8.80 22.43
C LEU D 14 8.25 -10.20 22.79
N SER D 15 7.22 -10.26 23.63
CA SER D 15 6.66 -11.53 24.05
C SER D 15 5.27 -11.72 23.44
N ALA D 16 4.83 -12.98 23.35
CA ALA D 16 3.52 -13.30 22.79
C ALA D 16 2.38 -12.70 23.61
N TYR D 17 1.23 -12.54 22.96
CA TYR D 17 0.04 -11.98 23.59
C TYR D 17 -0.45 -12.87 24.73
N LYS D 18 -0.65 -12.28 25.91
CA LYS D 18 -1.09 -13.02 27.08
C LYS D 18 -2.58 -12.87 27.39
N THR D 19 -3.16 -11.74 27.02
CA THR D 19 -4.58 -11.54 27.28
C THR D 19 -5.33 -11.08 26.03
N VAL D 20 -6.04 -12.00 25.40
CA VAL D 20 -6.78 -11.69 24.19
C VAL D 20 -8.29 -11.55 24.41
N VAL D 21 -8.86 -10.48 23.87
CA VAL D 21 -10.29 -10.23 23.96
C VAL D 21 -10.82 -10.22 22.55
N VAL D 22 -11.90 -10.97 22.30
CA VAL D 22 -12.49 -11.00 20.97
C VAL D 22 -13.99 -10.75 21.10
N GLY D 23 -14.53 -9.94 20.19
CA GLY D 23 -15.94 -9.64 20.21
C GLY D 23 -16.71 -10.48 19.22
N THR D 24 -17.90 -10.92 19.60
CA THR D 24 -18.71 -11.72 18.69
C THR D 24 -20.20 -11.43 18.85
N ASP D 25 -20.94 -11.46 17.75
CA ASP D 25 -22.37 -11.24 17.83
C ASP D 25 -23.06 -12.52 17.37
N GLY D 26 -22.26 -13.58 17.18
CA GLY D 26 -22.79 -14.85 16.75
C GLY D 26 -22.86 -15.08 15.26
N SER D 27 -22.62 -14.07 14.44
CA SER D 27 -22.68 -14.24 12.99
C SER D 27 -21.58 -15.19 12.53
N ASP D 28 -21.74 -15.79 11.35
CA ASP D 28 -20.73 -16.70 10.84
C ASP D 28 -19.42 -15.95 10.66
N SER D 29 -19.49 -14.72 10.18
CA SER D 29 -18.28 -13.94 10.02
C SER D 29 -17.62 -13.75 11.38
N SER D 30 -18.44 -13.49 12.39
CA SER D 30 -17.96 -13.29 13.75
C SER D 30 -17.22 -14.53 14.29
N MSE D 31 -17.70 -15.72 13.96
CA MSE D 31 -17.05 -16.93 14.43
C MSE D 31 -15.62 -17.09 13.92
O MSE D 31 -14.77 -17.67 14.61
CB MSE D 31 -17.89 -18.17 14.06
CG MSE D 31 -19.14 -18.35 14.94
SE MSE D 31 -18.73 -18.66 16.82
CE MSE D 31 -19.43 -17.01 17.60
N ARG D 32 -15.35 -16.58 12.72
CA ARG D 32 -14.01 -16.65 12.17
C ARG D 32 -13.04 -15.85 13.05
N ALA D 33 -13.49 -14.71 13.56
CA ALA D 33 -12.63 -13.92 14.41
C ALA D 33 -12.35 -14.69 15.69
N VAL D 34 -13.35 -15.43 16.17
CA VAL D 34 -13.20 -16.22 17.39
C VAL D 34 -12.14 -17.30 17.18
N ASP D 35 -12.18 -17.96 16.04
CA ASP D 35 -11.20 -18.99 15.73
C ASP D 35 -9.80 -18.38 15.70
N ARG D 36 -9.62 -17.31 14.93
CA ARG D 36 -8.31 -16.68 14.85
C ARG D 36 -7.82 -16.28 16.23
N ALA D 37 -8.73 -15.75 17.05
CA ALA D 37 -8.35 -15.33 18.39
C ALA D 37 -7.97 -16.55 19.23
N ALA D 38 -8.63 -17.68 18.96
CA ALA D 38 -8.34 -18.90 19.68
C ALA D 38 -6.93 -19.39 19.35
N GLN D 39 -6.60 -19.38 18.06
CA GLN D 39 -5.29 -19.82 17.59
C GLN D 39 -4.16 -18.99 18.23
N ILE D 40 -4.39 -17.69 18.40
CA ILE D 40 -3.38 -16.82 18.97
C ILE D 40 -3.26 -17.01 20.48
N ALA D 41 -4.39 -17.16 21.16
CA ALA D 41 -4.39 -17.33 22.61
C ALA D 41 -3.79 -18.68 23.01
N GLY D 42 -4.12 -19.71 22.22
CA GLY D 42 -3.60 -21.04 22.47
C GLY D 42 -3.88 -21.61 23.85
N ALA D 43 -2.86 -22.24 24.42
CA ALA D 43 -2.99 -22.87 25.73
C ALA D 43 -2.26 -22.10 26.81
N ASP D 44 -1.57 -21.03 26.45
CA ASP D 44 -0.85 -20.27 27.45
C ASP D 44 -1.42 -18.88 27.71
N ALA D 45 -2.27 -18.40 26.82
CA ALA D 45 -2.84 -17.07 27.03
C ALA D 45 -4.30 -17.12 27.47
N LYS D 46 -4.78 -16.00 27.99
CA LYS D 46 -6.16 -15.92 28.43
C LYS D 46 -7.05 -15.38 27.30
N LEU D 47 -8.11 -16.11 26.96
CA LEU D 47 -9.04 -15.66 25.91
C LEU D 47 -10.38 -15.22 26.52
N ILE D 48 -10.76 -13.97 26.28
CA ILE D 48 -12.03 -13.43 26.78
C ILE D 48 -12.92 -13.13 25.60
N ILE D 49 -14.09 -13.77 25.56
CA ILE D 49 -15.03 -13.56 24.47
C ILE D 49 -16.11 -12.61 24.95
N ALA D 50 -16.32 -11.55 24.19
CA ALA D 50 -17.31 -10.56 24.57
C ALA D 50 -18.40 -10.43 23.54
N SER D 51 -19.57 -9.99 23.99
CA SER D 51 -20.69 -9.77 23.08
C SER D 51 -21.55 -8.65 23.61
N ALA D 52 -21.92 -7.72 22.73
CA ALA D 52 -22.73 -6.59 23.15
C ALA D 52 -24.20 -6.95 23.38
N TYR D 53 -24.69 -6.59 24.55
CA TYR D 53 -26.08 -6.82 24.86
C TYR D 53 -26.84 -5.67 24.22
N LEU D 54 -27.53 -5.94 23.13
CA LEU D 54 -28.27 -4.91 22.43
C LEU D 54 -29.62 -4.64 23.10
N PRO D 55 -30.42 -5.70 23.35
CA PRO D 55 -31.73 -5.57 23.99
C PRO D 55 -31.67 -4.98 25.40
N THR D 76 -33.37 -17.04 30.46
CA THR D 76 -31.97 -16.65 30.24
C THR D 76 -31.77 -15.89 28.92
N ALA D 77 -31.26 -14.65 29.01
CA ALA D 77 -31.00 -13.83 27.85
C ALA D 77 -30.24 -14.61 26.76
N PRO D 78 -30.67 -14.46 25.49
CA PRO D 78 -30.09 -15.10 24.30
C PRO D 78 -28.57 -14.93 24.13
N ILE D 79 -28.04 -13.83 24.64
CA ILE D 79 -26.62 -13.55 24.53
C ILE D 79 -25.80 -14.68 25.16
N TYR D 80 -26.30 -15.24 26.25
CA TYR D 80 -25.59 -16.31 26.92
C TYR D 80 -25.44 -17.58 26.07
N GLU D 81 -26.30 -17.75 25.08
CA GLU D 81 -26.21 -18.92 24.22
C GLU D 81 -25.09 -18.66 23.21
N ILE D 82 -25.04 -17.41 22.73
CA ILE D 82 -24.02 -16.97 21.80
C ILE D 82 -22.65 -17.07 22.48
N LEU D 83 -22.57 -16.62 23.71
CA LEU D 83 -21.29 -16.70 24.42
C LEU D 83 -20.88 -18.15 24.61
N HIS D 84 -21.82 -18.99 25.01
CA HIS D 84 -21.53 -20.40 25.22
C HIS D 84 -21.02 -21.08 23.96
N ASP D 85 -21.73 -20.92 22.85
CA ASP D 85 -21.29 -21.55 21.61
C ASP D 85 -19.90 -21.02 21.21
N ALA D 86 -19.71 -19.71 21.32
CA ALA D 86 -18.42 -19.09 20.99
C ALA D 86 -17.33 -19.67 21.86
N LYS D 87 -17.63 -19.84 23.14
CA LYS D 87 -16.66 -20.40 24.05
C LYS D 87 -16.33 -21.84 23.61
N GLU D 88 -17.31 -22.58 23.09
CA GLU D 88 -17.05 -23.94 22.65
C GLU D 88 -16.19 -23.97 21.41
N ARG D 89 -16.48 -23.07 20.48
CA ARG D 89 -15.71 -23.01 19.25
C ARG D 89 -14.24 -22.69 19.57
N ALA D 90 -14.04 -21.79 20.53
CA ALA D 90 -12.70 -21.40 20.94
C ALA D 90 -11.92 -22.61 21.47
N HIS D 91 -12.57 -23.40 22.31
CA HIS D 91 -11.94 -24.59 22.87
C HIS D 91 -11.57 -25.55 21.74
N ASN D 92 -12.49 -25.77 20.81
CA ASN D 92 -12.21 -26.65 19.69
C ASN D 92 -11.09 -26.11 18.83
N ALA D 93 -10.86 -24.80 18.88
CA ALA D 93 -9.82 -24.20 18.07
C ALA D 93 -8.47 -24.20 18.77
N GLY D 94 -8.45 -24.65 20.02
CA GLY D 94 -7.19 -24.71 20.75
C GLY D 94 -7.03 -23.82 21.98
N ALA D 95 -7.99 -22.94 22.23
CA ALA D 95 -7.89 -22.05 23.39
C ALA D 95 -8.29 -22.82 24.66
N LYS D 96 -7.39 -22.86 25.63
CA LYS D 96 -7.65 -23.58 26.88
C LYS D 96 -8.20 -22.70 27.98
N ASN D 97 -7.73 -21.47 28.05
CA ASN D 97 -8.18 -20.55 29.09
C ASN D 97 -9.18 -19.57 28.46
N VAL D 98 -10.45 -19.97 28.45
CA VAL D 98 -11.50 -19.16 27.86
C VAL D 98 -12.58 -18.74 28.86
N GLU D 99 -13.09 -17.53 28.69
CA GLU D 99 -14.16 -17.04 29.55
C GLU D 99 -15.02 -16.09 28.73
N GLU D 100 -16.31 -16.03 29.05
CA GLU D 100 -17.25 -15.18 28.32
C GLU D 100 -17.53 -13.91 29.09
N ARG D 101 -18.10 -12.92 28.40
CA ARG D 101 -18.36 -11.63 29.04
C ARG D 101 -19.34 -10.79 28.24
N PRO D 102 -20.46 -10.39 28.86
CA PRO D 102 -21.41 -9.57 28.10
C PRO D 102 -20.89 -8.13 28.20
N ILE D 103 -21.10 -7.35 27.14
CA ILE D 103 -20.71 -5.94 27.10
C ILE D 103 -22.01 -5.14 27.22
N VAL D 104 -22.02 -4.20 28.15
CA VAL D 104 -23.19 -3.40 28.41
C VAL D 104 -22.99 -1.92 28.09
N GLY D 105 -24.02 -1.29 27.53
CA GLY D 105 -23.94 0.12 27.19
C GLY D 105 -23.18 0.39 25.90
N ALA D 106 -22.62 1.59 25.77
CA ALA D 106 -21.87 1.94 24.58
C ALA D 106 -20.72 0.92 24.50
N PRO D 107 -20.80 -0.02 23.56
CA PRO D 107 -19.81 -1.07 23.36
C PRO D 107 -18.35 -0.69 23.36
N VAL D 108 -17.95 0.32 22.59
CA VAL D 108 -16.54 0.68 22.57
C VAL D 108 -16.01 1.11 23.93
N ASP D 109 -16.75 1.97 24.64
CA ASP D 109 -16.32 2.41 25.97
C ASP D 109 -16.23 1.20 26.89
N ALA D 110 -17.18 0.28 26.76
CA ALA D 110 -17.18 -0.90 27.61
C ALA D 110 -15.95 -1.73 27.28
N LEU D 111 -15.66 -1.88 26.00
CA LEU D 111 -14.51 -2.66 25.54
C LEU D 111 -13.19 -2.07 26.07
N VAL D 112 -13.05 -0.74 26.00
CA VAL D 112 -11.84 -0.08 26.50
C VAL D 112 -11.72 -0.33 27.99
N ASN D 113 -12.85 -0.27 28.69
CA ASN D 113 -12.84 -0.50 30.14
C ASN D 113 -12.45 -1.95 30.42
N LEU D 114 -12.98 -2.88 29.63
CA LEU D 114 -12.66 -4.28 29.82
C LEU D 114 -11.15 -4.47 29.61
N ALA D 115 -10.62 -3.90 28.53
CA ALA D 115 -9.20 -4.00 28.22
C ALA D 115 -8.34 -3.52 29.37
N ASP D 116 -8.77 -2.45 30.02
CA ASP D 116 -8.04 -1.90 31.16
C ASP D 116 -8.14 -2.75 32.43
N GLU D 117 -9.33 -3.23 32.77
CA GLU D 117 -9.52 -4.06 33.96
C GLU D 117 -8.84 -5.41 33.81
N GLU D 118 -8.79 -5.92 32.58
CA GLU D 118 -8.17 -7.22 32.31
C GLU D 118 -6.78 -7.11 31.75
N LYS D 119 -6.31 -5.88 31.59
CA LYS D 119 -4.98 -5.63 31.08
C LYS D 119 -4.75 -6.39 29.78
N ALA D 120 -5.71 -6.26 28.86
CA ALA D 120 -5.61 -6.93 27.57
C ALA D 120 -4.44 -6.40 26.76
N ASP D 121 -3.89 -7.23 25.89
CA ASP D 121 -2.82 -6.76 25.03
C ASP D 121 -3.21 -6.90 23.55
N LEU D 122 -4.34 -7.56 23.30
CA LEU D 122 -4.82 -7.69 21.93
C LEU D 122 -6.33 -7.75 21.89
N LEU D 123 -6.94 -7.01 20.96
CA LEU D 123 -8.38 -6.99 20.79
C LEU D 123 -8.66 -7.50 19.39
N VAL D 124 -9.65 -8.38 19.26
CA VAL D 124 -9.97 -8.95 17.97
C VAL D 124 -11.44 -8.85 17.60
N VAL D 125 -11.71 -8.52 16.33
CA VAL D 125 -13.07 -8.43 15.85
C VAL D 125 -13.15 -8.88 14.42
N GLY D 126 -14.32 -9.36 14.01
CA GLY D 126 -14.49 -9.79 12.64
C GLY D 126 -14.99 -8.61 11.82
N ASN D 127 -14.44 -8.42 10.63
CA ASN D 127 -14.83 -7.32 9.78
C ASN D 127 -16.32 -7.36 9.44
N VAL D 128 -16.91 -6.20 9.21
CA VAL D 128 -18.33 -6.12 8.89
C VAL D 128 -18.61 -4.72 8.34
N GLY D 129 -19.64 -4.57 7.53
CA GLY D 129 -19.96 -3.27 6.98
C GLY D 129 -21.23 -3.24 6.16
N LEU D 130 -21.52 -2.09 5.55
CA LEU D 130 -22.72 -1.98 4.73
C LEU D 130 -22.28 -1.71 3.30
N SER D 131 -22.96 -2.32 2.35
CA SER D 131 -22.62 -2.18 0.93
C SER D 131 -23.26 -0.97 0.25
N THR D 132 -23.94 -0.14 1.05
CA THR D 132 -24.59 1.07 0.52
C THR D 132 -23.57 2.19 0.37
N ILE D 133 -23.98 3.28 -0.27
CA ILE D 133 -23.09 4.42 -0.45
C ILE D 133 -22.65 4.97 0.90
N ALA D 134 -23.62 5.24 1.77
CA ALA D 134 -23.33 5.77 3.10
C ALA D 134 -22.52 4.77 3.93
N GLY D 135 -22.98 3.52 3.92
CA GLY D 135 -22.30 2.49 4.67
C GLY D 135 -20.82 2.38 4.35
N ARG D 136 -20.47 2.60 3.09
CA ARG D 136 -19.08 2.52 2.66
C ARG D 136 -18.29 3.81 2.87
N LEU D 137 -18.94 4.93 2.61
CA LEU D 137 -18.31 6.24 2.73
C LEU D 137 -17.96 6.59 4.19
N LEU D 138 -18.78 6.10 5.12
CA LEU D 138 -18.59 6.36 6.53
C LEU D 138 -17.69 5.37 7.26
N GLY D 139 -17.16 4.39 6.53
CA GLY D 139 -16.30 3.40 7.15
C GLY D 139 -14.88 3.83 7.46
N SER D 140 -14.09 2.90 7.99
CA SER D 140 -12.70 3.17 8.33
C SER D 140 -11.83 2.48 7.28
N VAL D 141 -10.70 3.09 6.93
CA VAL D 141 -9.84 2.50 5.92
C VAL D 141 -9.34 1.10 6.32
N PRO D 142 -8.88 0.93 7.56
CA PRO D 142 -8.42 -0.42 7.91
C PRO D 142 -9.49 -1.47 7.63
N ALA D 143 -10.72 -1.21 8.04
CA ALA D 143 -11.78 -2.18 7.78
C ALA D 143 -11.96 -2.34 6.27
N ASN D 144 -11.81 -1.24 5.55
CA ASN D 144 -11.97 -1.23 4.10
C ASN D 144 -10.87 -2.07 3.43
N VAL D 145 -9.61 -1.85 3.82
CA VAL D 145 -8.52 -2.60 3.23
C VAL D 145 -8.68 -4.09 3.49
N SER D 146 -9.10 -4.40 4.72
CA SER D 146 -9.32 -5.77 5.13
C SER D 146 -10.31 -6.44 4.19
N ARG D 147 -11.34 -5.71 3.80
CA ARG D 147 -12.35 -6.26 2.93
C ARG D 147 -11.83 -6.30 1.49
N ARG D 148 -11.19 -5.22 1.08
CA ARG D 148 -10.65 -5.12 -0.27
C ARG D 148 -9.65 -6.20 -0.63
N ALA D 149 -8.73 -6.49 0.28
CA ALA D 149 -7.72 -7.48 0.00
C ALA D 149 -7.96 -8.77 0.74
N LYS D 150 -9.19 -8.99 1.18
CA LYS D 150 -9.54 -10.21 1.91
C LYS D 150 -8.35 -10.64 2.77
N VAL D 151 -7.87 -9.72 3.61
CA VAL D 151 -6.74 -9.98 4.49
C VAL D 151 -7.03 -9.44 5.90
N ASP D 152 -6.26 -9.88 6.89
CA ASP D 152 -6.42 -9.41 8.25
C ASP D 152 -5.50 -8.21 8.46
N VAL D 153 -5.93 -7.26 9.30
CA VAL D 153 -5.14 -6.07 9.57
C VAL D 153 -4.81 -5.98 11.04
N LEU D 154 -3.54 -5.74 11.34
CA LEU D 154 -3.06 -5.65 12.71
C LEU D 154 -2.53 -4.26 13.04
N ILE D 155 -3.08 -3.63 14.08
CA ILE D 155 -2.64 -2.30 14.50
C ILE D 155 -1.86 -2.43 15.80
N VAL D 156 -0.59 -2.01 15.78
CA VAL D 156 0.28 -2.12 16.94
C VAL D 156 0.38 -0.80 17.68
N HIS D 157 -0.09 -0.79 18.91
CA HIS D 157 -0.05 0.44 19.68
C HIS D 157 1.37 0.87 19.98
N THR D 158 1.55 2.17 20.20
CA THR D 158 2.84 2.75 20.51
C THR D 158 2.90 3.13 21.99
N THR D 159 4.03 2.88 22.62
CA THR D 159 4.21 3.21 24.03
C THR D 159 3.90 4.69 24.30
N SER E 13 7.74 -20.94 -25.74
CA SER E 13 8.05 -20.52 -27.15
C SER E 13 9.54 -20.25 -27.33
N LEU E 14 10.08 -19.37 -26.49
CA LEU E 14 11.50 -19.01 -26.56
C LEU E 14 12.37 -20.23 -26.30
N SER E 15 13.37 -20.42 -27.15
CA SER E 15 14.26 -21.58 -27.02
C SER E 15 15.59 -21.23 -26.36
N ALA E 16 16.28 -22.25 -25.86
CA ALA E 16 17.57 -22.07 -25.21
C ALA E 16 18.63 -21.67 -26.24
N TYR E 17 19.82 -21.33 -25.75
CA TYR E 17 20.92 -20.92 -26.62
C TYR E 17 21.46 -22.09 -27.41
N LYS E 18 21.68 -21.87 -28.71
CA LYS E 18 22.19 -22.91 -29.60
C LYS E 18 23.65 -22.71 -29.97
N THR E 19 24.07 -21.46 -30.09
CA THR E 19 25.46 -21.17 -30.45
C THR E 19 26.05 -20.11 -29.52
N VAL E 20 26.93 -20.56 -28.62
CA VAL E 20 27.59 -19.69 -27.65
C VAL E 20 29.06 -19.42 -27.98
N VAL E 21 29.42 -18.14 -28.05
CA VAL E 21 30.80 -17.74 -28.34
C VAL E 21 31.42 -17.08 -27.12
N VAL E 22 32.51 -17.65 -26.62
CA VAL E 22 33.18 -17.11 -25.45
C VAL E 22 34.61 -16.69 -25.79
N GLY E 23 35.08 -15.61 -25.16
CA GLY E 23 36.42 -15.13 -25.41
C GLY E 23 37.33 -15.42 -24.23
N THR E 24 38.59 -15.74 -24.52
CA THR E 24 39.57 -16.04 -23.48
C THR E 24 40.96 -15.62 -23.88
N ASP E 25 41.79 -15.32 -22.88
CA ASP E 25 43.17 -14.91 -23.11
C ASP E 25 44.08 -15.65 -22.12
N GLY E 26 43.55 -16.73 -21.55
CA GLY E 26 44.33 -17.52 -20.62
C GLY E 26 44.15 -17.21 -19.14
N SER E 27 43.83 -15.96 -18.82
CA SER E 27 43.65 -15.54 -17.43
C SER E 27 42.62 -16.40 -16.70
N ASP E 28 42.70 -16.41 -15.37
CA ASP E 28 41.75 -17.17 -14.58
C ASP E 28 40.35 -16.63 -14.82
N SER E 29 40.26 -15.32 -15.02
CA SER E 29 38.99 -14.67 -15.28
C SER E 29 38.37 -15.31 -16.52
N SER E 30 39.18 -15.41 -17.57
CA SER E 30 38.71 -16.00 -18.82
C SER E 30 38.24 -17.42 -18.60
N MSE E 31 38.91 -18.13 -17.69
CA MSE E 31 38.52 -19.51 -17.40
C MSE E 31 37.12 -19.58 -16.80
O MSE E 31 36.33 -20.45 -17.16
CB MSE E 31 39.54 -20.15 -16.46
CG MSE E 31 40.91 -20.33 -17.10
SE MSE E 31 40.77 -21.16 -18.86
CE MSE E 31 41.14 -19.61 -19.96
N ARG E 32 36.82 -18.66 -15.89
CA ARG E 32 35.50 -18.65 -15.25
C ARG E 32 34.44 -18.48 -16.34
N ALA E 33 34.68 -17.57 -17.27
CA ALA E 33 33.74 -17.33 -18.35
C ALA E 33 33.58 -18.59 -19.18
N VAL E 34 34.69 -19.29 -19.40
CA VAL E 34 34.65 -20.54 -20.16
C VAL E 34 33.76 -21.54 -19.43
N ASP E 35 34.04 -21.74 -18.14
CA ASP E 35 33.26 -22.67 -17.32
C ASP E 35 31.77 -22.35 -17.40
N ARG E 36 31.45 -21.07 -17.26
CA ARG E 36 30.07 -20.60 -17.31
C ARG E 36 29.48 -20.80 -18.70
N ALA E 37 30.24 -20.38 -19.71
CA ALA E 37 29.80 -20.51 -21.10
C ALA E 37 29.61 -21.98 -21.44
N ALA E 38 30.45 -22.83 -20.87
CA ALA E 38 30.38 -24.28 -21.09
C ALA E 38 29.13 -24.86 -20.44
N GLN E 39 28.92 -24.54 -19.16
CA GLN E 39 27.76 -25.01 -18.41
C GLN E 39 26.48 -24.70 -19.18
N ILE E 40 26.48 -23.58 -19.89
CA ILE E 40 25.31 -23.18 -20.66
C ILE E 40 25.29 -23.89 -22.01
N ALA E 41 26.48 -24.10 -22.57
CA ALA E 41 26.64 -24.76 -23.86
C ALA E 41 26.04 -26.16 -23.85
N GLY E 42 26.38 -26.93 -22.81
CA GLY E 42 25.88 -28.28 -22.70
C GLY E 42 26.37 -29.17 -23.84
N ALA E 43 25.79 -30.35 -23.96
CA ALA E 43 26.19 -31.27 -25.01
C ALA E 43 25.21 -31.23 -26.16
N ASP E 44 24.47 -30.14 -26.30
CA ASP E 44 23.50 -30.02 -27.37
C ASP E 44 23.57 -28.65 -28.06
N ALA E 45 24.58 -27.88 -27.69
CA ALA E 45 24.77 -26.55 -28.27
C ALA E 45 26.26 -26.32 -28.55
N LYS E 46 26.55 -25.62 -29.64
CA LYS E 46 27.94 -25.34 -29.99
C LYS E 46 28.60 -24.36 -29.04
N LEU E 47 29.89 -24.55 -28.83
CA LEU E 47 30.68 -23.68 -27.98
C LEU E 47 31.92 -23.26 -28.75
N ILE E 48 31.94 -22.01 -29.20
CA ILE E 48 33.07 -21.49 -29.96
C ILE E 48 33.97 -20.63 -29.07
N ILE E 49 35.12 -21.19 -28.68
CA ILE E 49 36.08 -20.47 -27.85
C ILE E 49 36.99 -19.63 -28.74
N ALA E 50 36.91 -18.31 -28.58
CA ALA E 50 37.71 -17.41 -29.39
C ALA E 50 38.77 -16.67 -28.56
N SER E 51 39.88 -16.34 -29.21
CA SER E 51 40.95 -15.59 -28.56
C SER E 51 41.50 -14.58 -29.53
N ALA E 52 42.12 -13.54 -29.00
CA ALA E 52 42.68 -12.49 -29.84
C ALA E 52 44.14 -12.72 -30.16
N TYR E 53 44.45 -12.71 -31.45
CA TYR E 53 45.81 -12.90 -31.91
C TYR E 53 46.46 -11.52 -31.95
N LEU E 54 47.03 -11.10 -30.84
CA LEU E 54 47.68 -9.78 -30.75
C LEU E 54 48.65 -9.52 -31.91
N PRO E 55 49.55 -10.48 -32.20
CA PRO E 55 50.52 -10.32 -33.29
C PRO E 55 49.85 -10.06 -34.64
N ALA E 77 50.61 -19.78 -33.64
CA ALA E 77 50.64 -21.03 -32.87
C ALA E 77 50.50 -20.80 -31.36
N PRO E 78 51.28 -19.87 -30.78
CA PRO E 78 51.21 -19.59 -29.33
C PRO E 78 49.78 -19.33 -28.85
N ILE E 79 48.92 -18.94 -29.78
CA ILE E 79 47.53 -18.66 -29.48
C ILE E 79 46.75 -19.96 -29.28
N TYR E 80 47.15 -21.02 -29.99
CA TYR E 80 46.48 -22.32 -29.87
C TYR E 80 46.72 -22.97 -28.52
N GLU E 81 47.71 -22.46 -27.80
CA GLU E 81 48.02 -22.98 -26.47
C GLU E 81 46.85 -22.62 -25.57
N ILE E 82 46.42 -21.37 -25.67
CA ILE E 82 45.32 -20.86 -24.89
C ILE E 82 44.04 -21.55 -25.36
N LEU E 83 43.84 -21.57 -26.67
CA LEU E 83 42.65 -22.19 -27.26
C LEU E 83 42.49 -23.66 -26.90
N HIS E 84 43.60 -24.38 -26.84
CA HIS E 84 43.55 -25.80 -26.50
C HIS E 84 43.25 -25.96 -25.02
N ASP E 85 43.89 -25.13 -24.21
CA ASP E 85 43.68 -25.15 -22.75
C ASP E 85 42.21 -24.94 -22.46
N ALA E 86 41.67 -23.83 -22.92
CA ALA E 86 40.26 -23.50 -22.71
C ALA E 86 39.35 -24.62 -23.20
N LYS E 87 39.64 -25.19 -24.37
CA LYS E 87 38.82 -26.26 -24.93
C LYS E 87 38.69 -27.42 -23.95
N GLU E 88 39.80 -27.74 -23.27
CA GLU E 88 39.80 -28.83 -22.30
C GLU E 88 38.80 -28.56 -21.18
N ARG E 89 38.89 -27.37 -20.58
CA ARG E 89 37.97 -27.02 -19.50
C ARG E 89 36.53 -27.16 -19.95
N ALA E 90 36.25 -26.69 -21.17
CA ALA E 90 34.90 -26.76 -21.72
C ALA E 90 34.38 -28.19 -21.60
N HIS E 91 35.22 -29.16 -21.96
CA HIS E 91 34.84 -30.57 -21.87
C HIS E 91 34.68 -30.95 -20.41
N ASN E 92 35.57 -30.43 -19.56
CA ASN E 92 35.53 -30.71 -18.14
C ASN E 92 34.44 -29.88 -17.48
N ALA E 93 33.45 -29.48 -18.27
CA ALA E 93 32.34 -28.69 -17.75
C ALA E 93 31.02 -29.13 -18.37
N GLY E 94 31.08 -29.94 -19.42
CA GLY E 94 29.87 -30.42 -20.04
C GLY E 94 29.73 -30.06 -21.50
N ALA E 95 30.65 -29.27 -22.01
CA ALA E 95 30.62 -28.87 -23.41
C ALA E 95 31.21 -30.00 -24.26
N LYS E 96 30.35 -30.66 -25.03
CA LYS E 96 30.78 -31.76 -25.87
C LYS E 96 30.76 -31.36 -27.34
N ASN E 97 30.80 -30.06 -27.60
CA ASN E 97 30.79 -29.56 -28.97
C ASN E 97 31.53 -28.23 -29.07
N VAL E 98 32.78 -28.25 -28.62
CA VAL E 98 33.62 -27.06 -28.62
C VAL E 98 34.30 -26.85 -29.98
N GLU E 99 34.78 -25.64 -30.22
CA GLU E 99 35.42 -25.32 -31.48
C GLU E 99 36.33 -24.11 -31.29
N GLU E 100 37.63 -24.33 -31.35
CA GLU E 100 38.60 -23.25 -31.18
C GLU E 100 38.52 -22.33 -32.41
N ARG E 101 38.89 -21.06 -32.23
CA ARG E 101 38.82 -20.10 -33.33
C ARG E 101 39.57 -18.81 -33.04
N PRO E 102 40.77 -18.65 -33.62
CA PRO E 102 41.56 -17.43 -33.39
C PRO E 102 40.90 -16.19 -34.00
N ILE E 103 41.32 -15.02 -33.57
CA ILE E 103 40.77 -13.76 -34.05
C ILE E 103 41.86 -12.78 -34.44
N VAL E 104 41.73 -12.17 -35.61
CA VAL E 104 42.72 -11.22 -36.10
C VAL E 104 42.11 -9.85 -36.40
N GLY E 105 42.86 -8.79 -36.08
CA GLY E 105 42.38 -7.45 -36.32
C GLY E 105 41.59 -6.93 -35.12
N ALA E 106 40.94 -5.78 -35.29
CA ALA E 106 40.14 -5.19 -34.23
C ALA E 106 39.18 -6.27 -33.72
N PRO E 107 39.36 -6.70 -32.47
CA PRO E 107 38.51 -7.75 -31.88
C PRO E 107 37.00 -7.47 -31.89
N VAL E 108 36.59 -6.21 -31.75
CA VAL E 108 35.17 -5.89 -31.75
C VAL E 108 34.49 -6.29 -33.06
N ASP E 109 34.96 -5.75 -34.18
CA ASP E 109 34.38 -6.08 -35.48
C ASP E 109 34.55 -7.55 -35.81
N ALA E 110 35.74 -8.07 -35.52
CA ALA E 110 36.02 -9.47 -35.78
C ALA E 110 35.04 -10.34 -35.01
N LEU E 111 34.59 -9.85 -33.86
CA LEU E 111 33.65 -10.61 -33.04
C LEU E 111 32.25 -10.51 -33.63
N VAL E 112 31.87 -9.29 -34.03
CA VAL E 112 30.56 -9.05 -34.62
C VAL E 112 30.44 -9.83 -35.93
N ASN E 113 31.54 -9.90 -36.67
CA ASN E 113 31.56 -10.62 -37.93
C ASN E 113 31.44 -12.12 -37.66
N LEU E 114 32.23 -12.59 -36.70
CA LEU E 114 32.21 -14.01 -36.32
C LEU E 114 30.82 -14.44 -35.88
N ALA E 115 30.22 -13.67 -34.97
CA ALA E 115 28.89 -13.98 -34.46
C ALA E 115 27.85 -14.02 -35.58
N ASP E 116 28.00 -13.12 -36.55
CA ASP E 116 27.07 -13.06 -37.68
C ASP E 116 27.21 -14.24 -38.64
N GLU E 117 28.43 -14.72 -38.84
CA GLU E 117 28.66 -15.85 -39.73
C GLU E 117 28.31 -17.16 -39.03
N GLU E 118 28.67 -17.26 -37.76
CA GLU E 118 28.39 -18.44 -36.97
C GLU E 118 26.97 -18.40 -36.41
N LYS E 119 26.28 -17.29 -36.68
CA LYS E 119 24.92 -17.07 -36.21
C LYS E 119 24.82 -17.32 -34.71
N ALA E 120 25.77 -16.77 -33.96
CA ALA E 120 25.77 -16.94 -32.51
C ALA E 120 24.57 -16.22 -31.90
N ASP E 121 24.08 -16.75 -30.79
CA ASP E 121 22.95 -16.12 -30.14
C ASP E 121 23.34 -15.69 -28.72
N LEU E 122 24.59 -15.95 -28.36
CA LEU E 122 25.10 -15.59 -27.04
C LEU E 122 26.60 -15.30 -27.06
N LEU E 123 26.99 -14.13 -26.58
CA LEU E 123 28.39 -13.72 -26.50
C LEU E 123 28.78 -13.71 -25.02
N VAL E 124 29.87 -14.38 -24.67
CA VAL E 124 30.31 -14.45 -23.28
C VAL E 124 31.76 -13.99 -23.05
N VAL E 125 31.97 -13.15 -22.03
CA VAL E 125 33.31 -12.67 -21.71
C VAL E 125 33.49 -12.56 -20.21
N GLY E 126 34.75 -12.64 -19.78
CA GLY E 126 35.05 -12.53 -18.36
C GLY E 126 35.29 -11.06 -18.07
N ASN E 127 34.76 -10.58 -16.95
CA ASN E 127 34.92 -9.18 -16.59
C ASN E 127 36.37 -8.83 -16.32
N VAL E 128 36.76 -7.60 -16.66
CA VAL E 128 38.14 -7.19 -16.44
C VAL E 128 38.18 -5.67 -16.42
N GLY E 129 39.25 -5.10 -15.87
CA GLY E 129 39.34 -3.65 -15.81
C GLY E 129 40.62 -3.18 -15.13
N LEU E 130 40.75 -1.86 -14.97
CA LEU E 130 41.93 -1.26 -14.34
C LEU E 130 41.51 -0.50 -13.08
N SER E 131 42.35 -0.50 -12.06
CA SER E 131 42.03 0.16 -10.79
C SER E 131 42.37 1.64 -10.71
N THR E 132 43.01 2.16 -11.74
CA THR E 132 43.36 3.57 -11.75
C THR E 132 42.11 4.40 -11.99
N ILE E 133 42.22 5.71 -11.76
CA ILE E 133 41.10 6.60 -11.97
C ILE E 133 40.60 6.47 -13.42
N ALA E 134 41.52 6.60 -14.36
CA ALA E 134 41.20 6.52 -15.78
C ALA E 134 40.54 5.19 -16.11
N GLY E 135 41.19 4.10 -15.70
CA GLY E 135 40.65 2.78 -15.96
C GLY E 135 39.20 2.62 -15.54
N ARG E 136 38.85 3.20 -14.40
CA ARG E 136 37.49 3.09 -13.91
C ARG E 136 36.55 4.09 -14.55
N LEU E 137 37.02 5.32 -14.74
CA LEU E 137 36.21 6.37 -15.34
C LEU E 137 35.87 6.10 -16.81
N LEU E 138 36.76 5.40 -17.51
CA LEU E 138 36.58 5.09 -18.93
C LEU E 138 35.87 3.78 -19.25
N GLY E 139 35.45 3.05 -18.22
CA GLY E 139 34.77 1.78 -18.47
C GLY E 139 33.28 1.86 -18.75
N SER E 140 32.63 0.70 -18.84
CA SER E 140 31.19 0.65 -19.10
C SER E 140 30.44 0.35 -17.81
N VAL E 141 29.28 0.96 -17.64
CA VAL E 141 28.52 0.71 -16.45
C VAL E 141 28.25 -0.78 -16.27
N PRO E 142 27.77 -1.47 -17.32
CA PRO E 142 27.50 -2.91 -17.15
C PRO E 142 28.69 -3.68 -16.58
N ALA E 143 29.89 -3.32 -16.99
CA ALA E 143 31.08 -4.00 -16.48
C ALA E 143 31.29 -3.66 -15.01
N ASN E 144 31.01 -2.40 -14.68
CA ASN E 144 31.16 -1.90 -13.32
C ASN E 144 30.18 -2.56 -12.35
N VAL E 145 28.92 -2.62 -12.74
CA VAL E 145 27.90 -3.21 -11.91
C VAL E 145 28.24 -4.67 -11.64
N SER E 146 28.81 -5.33 -12.65
CA SER E 146 29.19 -6.72 -12.51
C SER E 146 30.21 -6.84 -11.41
N ARG E 147 31.17 -5.93 -11.38
CA ARG E 147 32.21 -5.99 -10.37
C ARG E 147 31.69 -5.60 -9.00
N ARG E 148 31.07 -4.42 -8.92
CA ARG E 148 30.53 -3.90 -7.66
C ARG E 148 29.66 -4.89 -6.91
N ALA E 149 28.68 -5.46 -7.61
CA ALA E 149 27.79 -6.41 -6.97
C ALA E 149 28.20 -7.86 -7.16
N LYS E 150 29.43 -8.09 -7.64
CA LYS E 150 29.93 -9.45 -7.87
C LYS E 150 28.83 -10.34 -8.45
N VAL E 151 28.23 -9.89 -9.55
CA VAL E 151 27.16 -10.62 -10.20
C VAL E 151 27.37 -10.63 -11.72
N ASP E 152 26.70 -11.53 -12.40
CA ASP E 152 26.82 -11.59 -13.84
C ASP E 152 25.71 -10.75 -14.45
N VAL E 153 26.02 -10.11 -15.58
CA VAL E 153 25.05 -9.27 -16.27
C VAL E 153 24.78 -9.86 -17.66
N LEU E 154 23.50 -9.84 -18.05
CA LEU E 154 23.07 -10.37 -19.33
C LEU E 154 22.29 -9.33 -20.10
N ILE E 155 22.75 -9.01 -21.31
CA ILE E 155 22.06 -8.01 -22.12
C ILE E 155 21.36 -8.76 -23.25
N VAL E 156 20.04 -8.67 -23.30
CA VAL E 156 19.26 -9.34 -24.33
C VAL E 156 18.98 -8.40 -25.50
N HIS E 157 19.36 -8.81 -26.71
CA HIS E 157 19.14 -7.96 -27.88
C HIS E 157 17.66 -7.84 -28.20
N THR E 158 17.33 -6.88 -29.07
CA THR E 158 15.96 -6.64 -29.49
C THR E 158 15.68 -7.16 -30.90
N THR E 159 14.40 -7.35 -31.21
CA THR E 159 13.97 -7.85 -32.52
C THR E 159 12.90 -6.93 -33.13
N SER F 13 32.34 -27.77 -11.48
CA SER F 13 31.03 -28.15 -10.89
C SER F 13 30.10 -26.94 -10.70
N LEU F 14 30.23 -25.97 -11.61
CA LEU F 14 29.40 -24.76 -11.55
C LEU F 14 27.93 -25.07 -11.80
N SER F 15 27.08 -24.72 -10.84
CA SER F 15 25.64 -24.95 -10.94
C SER F 15 24.98 -23.80 -11.68
N ALA F 16 23.68 -23.93 -11.95
CA ALA F 16 22.96 -22.88 -12.64
C ALA F 16 22.68 -21.72 -11.68
N TYR F 17 22.15 -20.64 -12.24
CA TYR F 17 21.81 -19.45 -11.47
C TYR F 17 20.60 -19.71 -10.58
N LYS F 18 20.71 -19.32 -9.31
CA LYS F 18 19.63 -19.52 -8.35
C LYS F 18 18.73 -18.30 -8.18
N THR F 19 19.32 -17.11 -8.24
CA THR F 19 18.56 -15.87 -8.08
C THR F 19 18.79 -14.91 -9.25
N VAL F 20 17.77 -14.73 -10.07
CA VAL F 20 17.87 -13.87 -11.25
C VAL F 20 16.98 -12.64 -11.17
N VAL F 21 17.60 -11.48 -11.37
CA VAL F 21 16.89 -10.21 -11.35
C VAL F 21 16.77 -9.64 -12.75
N VAL F 22 15.57 -9.23 -13.14
CA VAL F 22 15.41 -8.65 -14.47
C VAL F 22 14.68 -7.31 -14.39
N GLY F 23 15.15 -6.34 -15.17
CA GLY F 23 14.53 -5.04 -15.16
C GLY F 23 13.66 -4.85 -16.39
N THR F 24 12.59 -4.07 -16.26
CA THR F 24 11.71 -3.84 -17.39
C THR F 24 10.95 -2.53 -17.27
N ASP F 25 10.80 -1.83 -18.38
CA ASP F 25 10.06 -0.58 -18.38
C ASP F 25 8.72 -0.81 -19.08
N GLY F 26 8.39 -2.07 -19.31
CA GLY F 26 7.12 -2.41 -19.94
C GLY F 26 7.13 -2.45 -21.46
N SER F 27 8.07 -1.75 -22.09
CA SER F 27 8.16 -1.72 -23.55
C SER F 27 8.19 -3.13 -24.10
N ASP F 28 7.62 -3.32 -25.29
CA ASP F 28 7.59 -4.64 -25.92
C ASP F 28 8.99 -5.23 -25.96
N SER F 29 9.96 -4.41 -26.38
CA SER F 29 11.34 -4.87 -26.46
C SER F 29 11.84 -5.36 -25.09
N SER F 30 11.54 -4.59 -24.06
CA SER F 30 11.95 -4.92 -22.70
C SER F 30 11.41 -6.29 -22.29
N MSE F 31 10.12 -6.51 -22.50
CA MSE F 31 9.53 -7.80 -22.14
C MSE F 31 10.30 -8.96 -22.75
O MSE F 31 10.29 -10.08 -22.20
CB MSE F 31 8.05 -7.85 -22.55
CG MSE F 31 7.16 -6.89 -21.75
SE MSE F 31 7.16 -7.21 -19.81
CE MSE F 31 5.38 -7.94 -19.63
N ARG F 32 10.98 -8.72 -23.86
CA ARG F 32 11.76 -9.77 -24.49
C ARG F 32 12.84 -10.24 -23.52
N ALA F 33 13.39 -9.31 -22.74
CA ALA F 33 14.42 -9.66 -21.77
C ALA F 33 13.78 -10.48 -20.63
N VAL F 34 12.53 -10.14 -20.31
CA VAL F 34 11.80 -10.84 -19.25
C VAL F 34 11.65 -12.31 -19.64
N ASP F 35 11.21 -12.56 -20.87
CA ASP F 35 11.04 -13.93 -21.34
C ASP F 35 12.34 -14.72 -21.20
N ARG F 36 13.44 -14.11 -21.61
CA ARG F 36 14.73 -14.76 -21.52
C ARG F 36 15.09 -15.04 -20.05
N ALA F 37 15.02 -14.00 -19.22
CA ALA F 37 15.34 -14.15 -17.80
C ALA F 37 14.52 -15.28 -17.21
N ALA F 38 13.24 -15.33 -17.58
CA ALA F 38 12.34 -16.36 -17.08
C ALA F 38 12.86 -17.73 -17.51
N GLN F 39 13.17 -17.86 -18.80
CA GLN F 39 13.68 -19.11 -19.34
C GLN F 39 14.88 -19.62 -18.53
N ILE F 40 15.80 -18.73 -18.16
CA ILE F 40 16.96 -19.11 -17.38
C ILE F 40 16.57 -19.48 -15.95
N ALA F 41 15.58 -18.78 -15.41
CA ALA F 41 15.11 -19.03 -14.04
C ALA F 41 14.47 -20.41 -13.99
N GLY F 42 13.61 -20.69 -14.96
CA GLY F 42 12.95 -21.98 -14.99
C GLY F 42 12.01 -22.25 -13.83
N ALA F 43 12.23 -23.37 -13.17
CA ALA F 43 11.39 -23.77 -12.04
C ALA F 43 12.19 -24.10 -10.79
N ASP F 44 13.49 -23.86 -10.82
CA ASP F 44 14.32 -24.13 -9.65
C ASP F 44 15.08 -22.89 -9.20
N ALA F 45 14.71 -21.74 -9.73
CA ALA F 45 15.38 -20.50 -9.35
C ALA F 45 14.40 -19.37 -9.08
N LYS F 46 14.83 -18.44 -8.22
CA LYS F 46 14.00 -17.29 -7.87
C LYS F 46 14.14 -16.20 -8.92
N LEU F 47 13.00 -15.73 -9.42
CA LEU F 47 12.99 -14.67 -10.43
C LEU F 47 12.40 -13.39 -9.84
N ILE F 48 13.16 -12.30 -9.94
CA ILE F 48 12.72 -11.00 -9.42
C ILE F 48 12.66 -9.96 -10.53
N ILE F 49 11.45 -9.52 -10.84
CA ILE F 49 11.27 -8.51 -11.87
C ILE F 49 11.29 -7.13 -11.23
N ALA F 50 12.03 -6.20 -11.82
CA ALA F 50 12.12 -4.85 -11.27
C ALA F 50 11.84 -3.80 -12.31
N SER F 51 11.20 -2.70 -11.89
CA SER F 51 10.91 -1.60 -12.80
C SER F 51 11.19 -0.30 -12.04
N ALA F 52 11.87 0.63 -12.70
CA ALA F 52 12.19 1.90 -12.07
C ALA F 52 11.01 2.84 -12.05
N TYR F 53 10.79 3.46 -10.90
CA TYR F 53 9.71 4.43 -10.73
C TYR F 53 10.32 5.78 -11.07
N LEU F 54 9.94 6.33 -12.22
CA LEU F 54 10.49 7.62 -12.64
C LEU F 54 9.83 8.82 -11.94
N PRO F 55 8.49 8.82 -11.83
CA PRO F 55 7.77 9.92 -11.17
C PRO F 55 8.26 10.14 -9.74
N THR F 76 -3.90 3.52 -8.17
CA THR F 76 -2.66 2.75 -8.02
C THR F 76 -1.68 3.05 -9.16
N ALA F 77 -0.41 3.24 -8.80
CA ALA F 77 0.65 3.54 -9.74
C ALA F 77 0.71 2.60 -10.95
N PRO F 78 0.82 3.15 -12.16
CA PRO F 78 0.90 2.40 -13.42
C PRO F 78 2.03 1.38 -13.42
N ILE F 79 3.09 1.67 -12.66
CA ILE F 79 4.23 0.76 -12.59
C ILE F 79 3.80 -0.64 -12.15
N TYR F 80 2.79 -0.71 -11.29
CA TYR F 80 2.31 -1.99 -10.79
C TYR F 80 1.69 -2.85 -11.89
N GLU F 81 1.00 -2.21 -12.83
CA GLU F 81 0.40 -2.96 -13.92
C GLU F 81 1.53 -3.56 -14.74
N ILE F 82 2.54 -2.75 -15.04
CA ILE F 82 3.70 -3.20 -15.80
C ILE F 82 4.29 -4.42 -15.09
N LEU F 83 4.51 -4.30 -13.79
CA LEU F 83 5.07 -5.41 -13.03
C LEU F 83 4.17 -6.64 -13.14
N HIS F 84 2.87 -6.42 -12.98
CA HIS F 84 1.90 -7.51 -13.06
C HIS F 84 2.02 -8.27 -14.39
N ASP F 85 2.05 -7.52 -15.48
CA ASP F 85 2.18 -8.12 -16.80
C ASP F 85 3.48 -8.91 -16.88
N ALA F 86 4.55 -8.33 -16.35
CA ALA F 86 5.84 -9.00 -16.37
C ALA F 86 5.73 -10.36 -15.70
N LYS F 87 5.11 -10.41 -14.52
CA LYS F 87 4.94 -11.68 -13.82
C LYS F 87 4.17 -12.67 -14.68
N GLU F 88 3.20 -12.16 -15.44
CA GLU F 88 2.39 -13.01 -16.33
C GLU F 88 3.29 -13.68 -17.34
N ARG F 89 3.96 -12.88 -18.16
CA ARG F 89 4.88 -13.39 -19.18
C ARG F 89 5.85 -14.38 -18.56
N ALA F 90 6.44 -14.01 -17.43
CA ALA F 90 7.40 -14.86 -16.75
C ALA F 90 6.79 -16.22 -16.41
N HIS F 91 5.56 -16.22 -15.88
CA HIS F 91 4.88 -17.45 -15.51
C HIS F 91 4.62 -18.36 -16.71
N ASN F 92 4.09 -17.77 -17.79
CA ASN F 92 3.80 -18.54 -19.00
C ASN F 92 5.10 -18.97 -19.69
N ALA F 93 6.19 -18.26 -19.44
CA ALA F 93 7.47 -18.60 -20.04
C ALA F 93 8.17 -19.70 -19.25
N GLY F 94 7.47 -20.24 -18.26
CA GLY F 94 8.05 -21.31 -17.47
C GLY F 94 8.65 -20.91 -16.13
N ALA F 95 8.64 -19.62 -15.83
CA ALA F 95 9.20 -19.14 -14.57
C ALA F 95 8.20 -19.44 -13.45
N LYS F 96 8.61 -20.26 -12.49
CA LYS F 96 7.75 -20.64 -11.38
C LYS F 96 7.78 -19.67 -10.22
N ASN F 97 8.93 -19.59 -9.55
CA ASN F 97 9.09 -18.70 -8.40
C ASN F 97 9.40 -17.29 -8.87
N VAL F 98 8.34 -16.49 -9.04
CA VAL F 98 8.49 -15.12 -9.49
C VAL F 98 7.88 -14.10 -8.53
N GLU F 99 8.61 -13.03 -8.27
CA GLU F 99 8.14 -11.96 -7.41
C GLU F 99 8.55 -10.63 -8.03
N GLU F 100 7.74 -9.59 -7.83
CA GLU F 100 8.00 -8.27 -8.38
C GLU F 100 8.70 -7.36 -7.37
N ARG F 101 9.18 -6.21 -7.82
CA ARG F 101 9.91 -5.30 -6.95
C ARG F 101 10.14 -3.94 -7.63
N PRO F 102 9.55 -2.86 -7.08
CA PRO F 102 9.70 -1.49 -7.62
C PRO F 102 11.09 -0.99 -7.29
N ILE F 103 11.65 -0.20 -8.19
CA ILE F 103 12.98 0.37 -8.01
C ILE F 103 12.81 1.87 -7.83
N VAL F 104 13.42 2.40 -6.78
CA VAL F 104 13.29 3.80 -6.47
C VAL F 104 14.60 4.58 -6.43
N GLY F 105 14.54 5.81 -6.92
CA GLY F 105 15.73 6.67 -6.94
C GLY F 105 16.69 6.22 -8.04
N ALA F 106 17.98 6.46 -7.82
CA ALA F 106 19.00 6.06 -8.80
C ALA F 106 18.88 4.56 -9.04
N PRO F 107 18.29 4.19 -10.18
CA PRO F 107 18.08 2.80 -10.56
C PRO F 107 19.30 1.89 -10.41
N VAL F 108 20.47 2.33 -10.85
CA VAL F 108 21.64 1.47 -10.74
C VAL F 108 21.98 1.15 -9.28
N ASP F 109 22.24 2.18 -8.48
CA ASP F 109 22.54 1.98 -7.05
C ASP F 109 21.45 1.13 -6.41
N ALA F 110 20.22 1.39 -6.80
CA ALA F 110 19.11 0.63 -6.25
C ALA F 110 19.30 -0.81 -6.66
N LEU F 111 19.52 -1.05 -7.96
CA LEU F 111 19.71 -2.40 -8.47
C LEU F 111 20.84 -3.11 -7.74
N VAL F 112 21.97 -2.44 -7.57
CA VAL F 112 23.09 -3.06 -6.86
C VAL F 112 22.65 -3.43 -5.45
N ASN F 113 21.88 -2.54 -4.84
CA ASN F 113 21.38 -2.78 -3.49
C ASN F 113 20.51 -4.05 -3.51
N LEU F 114 19.60 -4.13 -4.45
CA LEU F 114 18.72 -5.28 -4.58
C LEU F 114 19.49 -6.58 -4.83
N ALA F 115 20.53 -6.51 -5.65
CA ALA F 115 21.32 -7.69 -5.96
C ALA F 115 21.96 -8.24 -4.70
N ASP F 116 22.44 -7.34 -3.86
CA ASP F 116 23.11 -7.74 -2.61
C ASP F 116 22.11 -8.20 -1.57
N GLU F 117 20.94 -7.58 -1.58
CA GLU F 117 19.86 -7.86 -0.64
C GLU F 117 19.27 -9.24 -0.87
N GLU F 118 19.19 -9.64 -2.14
CA GLU F 118 18.66 -10.94 -2.51
C GLU F 118 19.78 -11.90 -2.85
N LYS F 119 21.02 -11.39 -2.82
CA LYS F 119 22.19 -12.20 -3.15
C LYS F 119 22.03 -12.82 -4.53
N ALA F 120 21.73 -11.97 -5.51
CA ALA F 120 21.54 -12.39 -6.90
C ALA F 120 22.85 -12.87 -7.54
N ASP F 121 22.74 -13.78 -8.51
CA ASP F 121 23.93 -14.25 -9.21
C ASP F 121 23.89 -13.90 -10.69
N LEU F 122 22.77 -13.35 -11.15
CA LEU F 122 22.62 -12.94 -12.54
C LEU F 122 21.64 -11.77 -12.69
N LEU F 123 22.02 -10.77 -13.47
CA LEU F 123 21.16 -9.61 -13.73
C LEU F 123 20.84 -9.57 -15.21
N VAL F 124 19.57 -9.38 -15.54
CA VAL F 124 19.16 -9.33 -16.93
C VAL F 124 18.43 -8.05 -17.30
N VAL F 125 18.82 -7.45 -18.42
CA VAL F 125 18.15 -6.25 -18.90
C VAL F 125 18.02 -6.30 -20.41
N GLY F 126 17.06 -5.55 -20.94
CA GLY F 126 16.85 -5.51 -22.37
C GLY F 126 17.69 -4.40 -22.98
N ASN F 127 18.29 -4.67 -24.14
CA ASN F 127 19.12 -3.67 -24.79
C ASN F 127 18.29 -2.48 -25.23
N VAL F 128 18.88 -1.29 -25.14
CA VAL F 128 18.21 -0.07 -25.55
C VAL F 128 19.27 0.97 -25.83
N GLY F 129 18.89 2.08 -26.47
CA GLY F 129 19.85 3.12 -26.78
C GLY F 129 19.26 4.22 -27.65
N LEU F 130 20.10 5.21 -27.96
CA LEU F 130 19.70 6.33 -28.80
C LEU F 130 20.50 6.26 -30.09
N SER F 131 19.82 6.48 -31.21
CA SER F 131 20.48 6.42 -32.53
C SER F 131 21.17 7.70 -32.95
N THR F 132 21.13 8.73 -32.11
CA THR F 132 21.77 10.01 -32.44
C THR F 132 23.27 9.85 -32.29
N ILE F 133 24.01 10.86 -32.75
CA ILE F 133 25.46 10.81 -32.63
C ILE F 133 25.82 10.68 -31.15
N ALA F 134 25.26 11.56 -30.32
CA ALA F 134 25.55 11.53 -28.89
C ALA F 134 25.15 10.19 -28.27
N GLY F 135 23.93 9.76 -28.58
CA GLY F 135 23.45 8.49 -28.05
C GLY F 135 24.33 7.32 -28.39
N ARG F 136 24.99 7.36 -29.54
CA ARG F 136 25.85 6.25 -29.92
C ARG F 136 27.29 6.43 -29.43
N LEU F 137 27.72 7.67 -29.35
CA LEU F 137 29.09 7.96 -28.93
C LEU F 137 29.28 7.80 -27.42
N LEU F 138 28.22 8.05 -26.65
CA LEU F 138 28.28 7.96 -25.18
C LEU F 138 27.86 6.61 -24.64
N GLY F 139 27.51 5.70 -25.54
CA GLY F 139 27.10 4.38 -25.10
C GLY F 139 28.25 3.49 -24.68
N SER F 140 27.94 2.23 -24.45
CA SER F 140 28.95 1.26 -24.06
C SER F 140 29.09 0.23 -25.19
N VAL F 141 30.31 -0.30 -25.31
CA VAL F 141 30.61 -1.29 -26.34
C VAL F 141 29.73 -2.53 -26.23
N PRO F 142 29.61 -3.11 -25.03
CA PRO F 142 28.78 -4.30 -24.89
C PRO F 142 27.36 -4.12 -25.42
N ALA F 143 26.75 -2.99 -25.12
CA ALA F 143 25.39 -2.76 -25.62
C ALA F 143 25.41 -2.57 -27.14
N ASN F 144 26.51 -2.01 -27.64
CA ASN F 144 26.69 -1.76 -29.07
C ASN F 144 26.85 -3.08 -29.84
N VAL F 145 27.70 -3.95 -29.33
CA VAL F 145 27.94 -5.25 -29.94
C VAL F 145 26.66 -6.07 -29.95
N SER F 146 25.91 -5.98 -28.87
CA SER F 146 24.66 -6.70 -28.75
C SER F 146 23.68 -6.24 -29.81
N ARG F 147 23.70 -4.95 -30.09
CA ARG F 147 22.80 -4.39 -31.09
C ARG F 147 23.34 -4.69 -32.48
N ARG F 148 24.65 -4.53 -32.68
CA ARG F 148 25.27 -4.78 -33.96
C ARG F 148 25.19 -6.22 -34.43
N ALA F 149 25.53 -7.16 -33.56
CA ALA F 149 25.49 -8.56 -33.93
C ALA F 149 24.14 -9.20 -33.64
N LYS F 150 23.19 -8.39 -33.21
CA LYS F 150 21.85 -8.88 -32.88
C LYS F 150 21.97 -10.12 -32.01
N VAL F 151 22.91 -10.07 -31.06
CA VAL F 151 23.17 -11.19 -30.16
C VAL F 151 23.07 -10.77 -28.68
N ASP F 152 23.02 -11.76 -27.79
CA ASP F 152 22.97 -11.52 -26.36
C ASP F 152 24.38 -11.50 -25.81
N VAL F 153 24.61 -10.72 -24.77
CA VAL F 153 25.93 -10.63 -24.16
C VAL F 153 25.87 -10.98 -22.68
N LEU F 154 26.84 -11.78 -22.23
CA LEU F 154 26.92 -12.18 -20.83
C LEU F 154 28.25 -11.82 -20.22
N ILE F 155 28.22 -11.10 -19.11
CA ILE F 155 29.45 -10.71 -18.43
C ILE F 155 29.55 -11.54 -17.14
N VAL F 156 30.67 -12.25 -17.00
CA VAL F 156 30.90 -13.10 -15.85
C VAL F 156 31.87 -12.39 -14.92
N HIS F 157 31.48 -12.25 -13.66
CA HIS F 157 32.30 -11.57 -12.66
C HIS F 157 33.42 -12.50 -12.20
N THR F 158 34.49 -11.91 -11.68
CA THR F 158 35.63 -12.68 -11.21
C THR F 158 35.72 -12.69 -9.69
N THR F 159 35.98 -13.86 -9.11
CA THR F 159 36.09 -14.02 -7.65
C THR F 159 34.95 -13.33 -6.89
#